data_8JB8
#
_entry.id   8JB8
#
_cell.length_a   81.143
_cell.length_b   89.266
_cell.length_c   104.757
_cell.angle_alpha   90.000
_cell.angle_beta   90.000
_cell.angle_gamma   90.000
#
_symmetry.space_group_name_H-M   'P 21 21 21'
#
loop_
_entity.id
_entity.type
_entity.pdbx_description
1 polymer Beta-lactamase
2 non-polymer 'ACYLATED CEFTAZIDIME'
3 water water
#
_entity_poly.entity_id   1
_entity_poly.type   'polypeptide(L)'
_entity_poly.pdbx_seq_one_letter_code
;MKTEQQIADIVNRTITPLMQEQAIPGMAVAVIYQGKPYYFTWGKADIANNHPVTQQTLFELGSVSKTFNGVLGGDAIARG
EIKLSDPVTKYWPELTGKQWQGIRLLHLATYTEGGLPLKIPDDVRDKAALLHFYQNWQPQWTPGAKRLYANSSIGLFGAL
AVKPSGMSYEEAMTRRVLQPLKLAHTWITVPQNEQKDYAWGYREGKPVHSSPGQLDAEAYGVKSSVIDMARWVQANMDAS
HVQEKTLQQGIALAQSRYWRIGDMYQGLGWEMLNWPLKADSIINGSDSKVALAALPAVEVNPPAPAVKASWVHKTGSTGG
FGSYVAFVPEKNLGIVMLANKSYPYPVRVEAAWRILEKLQ
;
_entity_poly.pdbx_strand_id   A,B
#
# COMPACT_ATOMS: atom_id res chain seq x y z
N MET A 1 -36.59 20.45 20.35
CA MET A 1 -36.94 20.76 18.97
C MET A 1 -36.03 21.89 18.50
N LYS A 2 -35.36 21.67 17.36
CA LYS A 2 -34.33 22.57 16.89
C LYS A 2 -34.87 23.59 15.90
N THR A 3 -34.48 24.84 16.09
CA THR A 3 -34.72 25.86 15.08
C THR A 3 -33.69 25.73 13.96
N GLU A 4 -33.99 26.37 12.83
CA GLU A 4 -33.04 26.37 11.72
C GLU A 4 -31.71 27.00 12.13
N GLN A 5 -31.73 27.99 13.02
CA GLN A 5 -30.47 28.55 13.49
C GLN A 5 -29.70 27.55 14.33
N GLN A 6 -30.41 26.83 15.20
CA GLN A 6 -29.75 25.80 16.01
C GLN A 6 -29.17 24.70 15.14
N ILE A 7 -29.86 24.34 14.06
CA ILE A 7 -29.32 23.38 13.11
C ILE A 7 -28.05 23.93 12.47
N ALA A 8 -28.12 25.15 11.95
CA ALA A 8 -26.96 25.77 11.31
C ALA A 8 -25.79 25.86 12.25
N ASP A 9 -26.03 26.27 13.49
CA ASP A 9 -24.95 26.36 14.47
C ASP A 9 -24.34 24.99 14.75
N ILE A 10 -25.17 23.94 14.77
CA ILE A 10 -24.63 22.60 14.96
C ILE A 10 -23.78 22.18 13.78
N VAL A 11 -24.30 22.35 12.56
CA VAL A 11 -23.61 21.90 11.37
C VAL A 11 -22.32 22.69 11.17
N ASN A 12 -22.38 24.01 11.33
CA ASN A 12 -21.18 24.84 11.17
C ASN A 12 -20.11 24.45 12.19
N ARG A 13 -20.51 24.21 13.44
CA ARG A 13 -19.54 23.89 14.47
C ARG A 13 -18.85 22.55 14.21
N THR A 14 -19.40 21.71 13.35
CA THR A 14 -18.74 20.47 12.96
C THR A 14 -17.96 20.59 11.66
N ILE A 15 -18.56 21.22 10.64
CA ILE A 15 -17.97 21.24 9.30
C ILE A 15 -16.80 22.23 9.25
N THR A 16 -16.93 23.41 9.87
CA THR A 16 -15.89 24.43 9.80
C THR A 16 -14.52 23.94 10.23
N PRO A 17 -14.35 23.30 11.39
CA PRO A 17 -13.01 22.76 11.70
C PRO A 17 -12.64 21.57 10.84
N LEU A 18 -13.63 20.78 10.43
CA LEU A 18 -13.37 19.67 9.52
C LEU A 18 -12.71 20.15 8.23
N MET A 19 -13.26 21.19 7.63
CA MET A 19 -12.71 21.66 6.37
C MET A 19 -11.30 22.21 6.54
N GLN A 20 -11.02 22.85 7.67
CA GLN A 20 -9.68 23.38 7.87
C GLN A 20 -8.69 22.25 8.16
N GLU A 21 -9.09 21.31 9.01
CA GLU A 21 -8.19 20.22 9.38
C GLU A 21 -7.86 19.34 8.18
N GLN A 22 -8.86 19.03 7.35
CA GLN A 22 -8.67 18.21 6.16
C GLN A 22 -8.32 19.00 4.92
N ALA A 23 -8.28 20.33 5.01
CA ALA A 23 -7.99 21.19 3.86
C ALA A 23 -8.95 20.90 2.72
N ILE A 24 -10.22 20.77 3.05
CA ILE A 24 -11.26 20.58 2.04
C ILE A 24 -11.58 21.93 1.40
N PRO A 25 -11.46 22.06 0.09
CA PRO A 25 -11.77 23.35 -0.54
C PRO A 25 -13.26 23.71 -0.48
N GLY A 26 -14.14 22.75 -0.73
CA GLY A 26 -15.56 23.06 -0.79
C GLY A 26 -16.42 21.94 -0.25
N MET A 27 -17.53 22.28 0.41
CA MET A 27 -18.46 21.29 0.91
C MET A 27 -19.88 21.77 0.71
N ALA A 28 -20.76 20.84 0.39
CA ALA A 28 -22.20 21.03 0.39
C ALA A 28 -22.79 19.99 1.33
N VAL A 29 -23.62 20.45 2.26
CA VAL A 29 -24.24 19.57 3.25
C VAL A 29 -25.74 19.79 3.23
N ALA A 30 -26.50 18.69 3.23
CA ALA A 30 -27.93 18.75 3.49
C ALA A 30 -28.23 17.92 4.73
N VAL A 31 -29.01 18.49 5.63
CA VAL A 31 -29.55 17.78 6.78
C VAL A 31 -31.04 17.60 6.54
N ILE A 32 -31.54 16.38 6.74
CA ILE A 32 -32.96 16.10 6.75
C ILE A 32 -33.40 16.05 8.19
N TYR A 33 -34.18 17.04 8.63
CA TYR A 33 -34.65 17.13 10.00
C TYR A 33 -36.17 17.26 9.97
N GLN A 34 -36.86 16.33 10.63
CA GLN A 34 -38.32 16.21 10.55
C GLN A 34 -38.79 16.11 9.10
N GLY A 35 -38.01 15.41 8.28
CA GLY A 35 -38.35 15.22 6.90
C GLY A 35 -38.08 16.38 5.97
N LYS A 36 -37.54 17.49 6.48
CA LYS A 36 -37.32 18.68 5.66
C LYS A 36 -35.83 18.93 5.43
N PRO A 37 -35.41 19.20 4.19
CA PRO A 37 -33.99 19.47 3.95
C PRO A 37 -33.59 20.87 4.40
N TYR A 38 -32.41 20.96 5.02
CA TYR A 38 -31.75 22.22 5.32
C TYR A 38 -30.37 22.20 4.66
N TYR A 39 -30.06 23.26 3.91
CA TYR A 39 -28.92 23.28 2.99
C TYR A 39 -27.80 24.16 3.52
N PHE A 40 -26.56 23.71 3.33
CA PHE A 40 -25.38 24.45 3.75
C PHE A 40 -24.27 24.29 2.72
N THR A 41 -23.52 25.36 2.49
CA THR A 41 -22.43 25.41 1.52
C THR A 41 -21.29 26.27 2.06
N TRP A 42 -20.06 25.85 1.80
CA TRP A 42 -18.87 26.60 2.15
C TRP A 42 -17.80 26.40 1.09
N GLY A 43 -16.95 27.40 0.94
CA GLY A 43 -15.73 27.23 0.19
C GLY A 43 -15.90 27.34 -1.31
N LYS A 44 -14.91 26.79 -2.02
CA LYS A 44 -14.77 26.97 -3.46
C LYS A 44 -14.99 25.66 -4.19
N ALA A 45 -15.77 25.71 -5.27
CA ALA A 45 -15.86 24.59 -6.20
C ALA A 45 -14.65 24.52 -7.11
N ASP A 46 -14.04 25.68 -7.41
CA ASP A 46 -12.83 25.80 -8.23
C ASP A 46 -11.98 26.88 -7.60
N ILE A 47 -10.81 26.51 -7.06
CA ILE A 47 -10.03 27.47 -6.28
C ILE A 47 -9.40 28.52 -7.19
N ALA A 48 -8.79 28.08 -8.29
CA ALA A 48 -8.07 29.01 -9.14
C ALA A 48 -9.02 30.03 -9.77
N ASN A 49 -10.15 29.56 -10.28
CA ASN A 49 -11.12 30.48 -10.86
C ASN A 49 -12.07 31.06 -9.83
N ASN A 50 -11.87 30.76 -8.54
CA ASN A 50 -12.58 31.43 -7.45
C ASN A 50 -14.09 31.23 -7.52
N HIS A 51 -14.55 30.07 -8.00
CA HIS A 51 -15.98 29.77 -8.10
C HIS A 51 -16.48 29.19 -6.77
N PRO A 52 -17.50 29.78 -6.16
CA PRO A 52 -17.99 29.26 -4.88
C PRO A 52 -18.82 28.00 -5.05
N VAL A 53 -18.91 27.25 -3.95
CA VAL A 53 -19.88 26.17 -3.87
C VAL A 53 -21.26 26.78 -3.69
N THR A 54 -22.19 26.38 -4.54
CA THR A 54 -23.59 26.75 -4.38
C THR A 54 -24.42 25.49 -4.19
N GLN A 55 -25.74 25.66 -4.17
CA GLN A 55 -26.64 24.53 -4.07
C GLN A 55 -26.85 23.83 -5.41
N GLN A 56 -26.31 24.37 -6.50
CA GLN A 56 -26.32 23.68 -7.78
C GLN A 56 -25.00 23.00 -8.12
N THR A 57 -23.95 23.21 -7.31
CA THR A 57 -22.65 22.65 -7.63
C THR A 57 -22.73 21.14 -7.74
N LEU A 58 -22.18 20.61 -8.83
CA LEU A 58 -22.17 19.18 -9.07
C LEU A 58 -20.91 18.57 -8.48
N PHE A 59 -21.09 17.53 -7.65
CA PHE A 59 -20.01 16.78 -7.03
C PHE A 59 -20.00 15.37 -7.59
N GLU A 60 -18.80 14.81 -7.73
CA GLU A 60 -18.67 13.39 -8.06
C GLU A 60 -19.10 12.58 -6.86
N LEU A 61 -20.20 11.83 -7.00
CA LEU A 61 -20.68 11.02 -5.89
C LEU A 61 -19.78 9.84 -5.59
N GLY A 62 -19.00 9.39 -6.58
CA GLY A 62 -18.24 8.16 -6.37
C GLY A 62 -19.18 6.99 -6.09
N SER A 63 -18.79 6.16 -5.14
CA SER A 63 -19.52 4.91 -4.92
C SER A 63 -20.92 5.13 -4.38
N VAL A 64 -21.29 6.33 -3.97
CA VAL A 64 -22.69 6.56 -3.63
C VAL A 64 -23.56 6.31 -4.86
N SER A 65 -22.96 6.31 -6.05
CA SER A 65 -23.66 5.90 -7.27
C SER A 65 -24.30 4.52 -7.14
N LYS A 66 -23.76 3.66 -6.27
CA LYS A 66 -24.28 2.31 -6.14
C LYS A 66 -25.66 2.28 -5.49
N THR A 67 -26.04 3.31 -4.76
CA THR A 67 -27.41 3.38 -4.25
C THR A 67 -28.40 3.62 -5.37
N PHE A 68 -28.04 4.44 -6.36
CA PHE A 68 -28.92 4.59 -7.51
C PHE A 68 -29.03 3.28 -8.28
N ASN A 69 -27.92 2.55 -8.37
CA ASN A 69 -27.92 1.22 -8.97
C ASN A 69 -28.89 0.30 -8.24
N GLY A 70 -28.78 0.22 -6.91
CA GLY A 70 -29.66 -0.65 -6.15
C GLY A 70 -31.12 -0.33 -6.35
N VAL A 71 -31.46 0.96 -6.33
CA VAL A 71 -32.86 1.35 -6.43
C VAL A 71 -33.40 1.06 -7.82
N LEU A 72 -32.60 1.29 -8.86
CA LEU A 72 -33.03 0.90 -10.19
C LEU A 72 -33.13 -0.61 -10.31
N GLY A 73 -32.25 -1.36 -9.64
CA GLY A 73 -32.36 -2.80 -9.65
C GLY A 73 -33.57 -3.31 -8.89
N GLY A 74 -33.83 -2.74 -7.71
CA GLY A 74 -35.05 -3.07 -7.00
C GLY A 74 -36.28 -2.69 -7.79
N ASP A 75 -36.21 -1.57 -8.51
CA ASP A 75 -37.30 -1.21 -9.40
C ASP A 75 -37.53 -2.28 -10.46
N ALA A 76 -36.45 -2.81 -11.05
CA ALA A 76 -36.61 -3.84 -12.07
C ALA A 76 -37.21 -5.12 -11.48
N ILE A 77 -36.80 -5.47 -10.25
CA ILE A 77 -37.43 -6.61 -9.57
C ILE A 77 -38.93 -6.37 -9.44
N ALA A 78 -39.31 -5.18 -8.96
CA ALA A 78 -40.73 -4.88 -8.75
C ALA A 78 -41.52 -4.92 -10.05
N ARG A 79 -40.90 -4.53 -11.16
CA ARG A 79 -41.58 -4.62 -12.45
C ARG A 79 -41.74 -6.06 -12.91
N GLY A 80 -40.98 -6.99 -12.33
CA GLY A 80 -41.01 -8.37 -12.78
C GLY A 80 -40.09 -8.67 -13.93
N GLU A 81 -39.13 -7.79 -14.23
CA GLU A 81 -38.21 -8.02 -15.35
C GLU A 81 -37.08 -8.97 -14.96
N ILE A 82 -36.63 -8.92 -13.72
CA ILE A 82 -35.55 -9.74 -13.22
C ILE A 82 -35.99 -10.35 -11.91
N LYS A 83 -35.24 -11.36 -11.48
CA LYS A 83 -35.26 -11.87 -10.12
C LYS A 83 -33.81 -12.01 -9.68
N LEU A 84 -33.54 -11.78 -8.40
CA LEU A 84 -32.18 -11.95 -7.93
C LEU A 84 -31.76 -13.41 -7.95
N SER A 85 -32.70 -14.36 -7.90
CA SER A 85 -32.32 -15.76 -7.98
C SER A 85 -31.93 -16.18 -9.39
N ASP A 86 -32.18 -15.34 -10.39
CA ASP A 86 -31.83 -15.67 -11.76
C ASP A 86 -30.32 -15.75 -11.96
N PRO A 87 -29.86 -16.66 -12.79
CA PRO A 87 -28.42 -16.76 -13.06
C PRO A 87 -27.92 -15.60 -13.90
N VAL A 88 -26.65 -15.25 -13.70
CA VAL A 88 -26.01 -14.21 -14.51
C VAL A 88 -26.09 -14.57 -15.99
N THR A 89 -25.84 -15.84 -16.32
CA THR A 89 -25.78 -16.26 -17.72
C THR A 89 -27.10 -16.09 -18.45
N LYS A 90 -28.21 -15.90 -17.72
CA LYS A 90 -29.47 -15.63 -18.39
C LYS A 90 -29.41 -14.31 -19.16
N TYR A 91 -28.79 -13.29 -18.56
CA TYR A 91 -28.72 -11.97 -19.15
C TYR A 91 -27.43 -11.71 -19.91
N TRP A 92 -26.42 -12.56 -19.76
CA TRP A 92 -25.19 -12.49 -20.55
C TRP A 92 -24.77 -13.90 -20.92
N PRO A 93 -25.35 -14.45 -22.00
CA PRO A 93 -25.05 -15.85 -22.36
C PRO A 93 -23.59 -16.09 -22.69
N GLU A 94 -22.88 -15.08 -23.21
CA GLU A 94 -21.50 -15.28 -23.68
C GLU A 94 -20.55 -15.56 -22.51
N LEU A 95 -21.09 -15.62 -21.30
CA LEU A 95 -20.34 -15.98 -20.10
C LEU A 95 -20.50 -17.48 -19.85
N THR A 96 -19.86 -18.25 -20.72
CA THR A 96 -19.97 -19.70 -20.68
C THR A 96 -18.93 -20.37 -19.80
N GLY A 97 -18.04 -19.59 -19.17
CA GLY A 97 -17.07 -20.16 -18.26
C GLY A 97 -17.77 -20.92 -17.14
N LYS A 98 -17.30 -22.13 -16.84
CA LYS A 98 -17.96 -22.95 -15.83
C LYS A 98 -17.96 -22.28 -14.46
N GLN A 99 -17.07 -21.32 -14.23
CA GLN A 99 -17.03 -20.62 -12.94
C GLN A 99 -18.24 -19.72 -12.74
N TRP A 100 -18.97 -19.38 -13.80
CA TRP A 100 -20.13 -18.52 -13.72
C TRP A 100 -21.43 -19.26 -13.40
N GLN A 101 -21.49 -20.56 -13.68
CA GLN A 101 -22.63 -21.37 -13.24
C GLN A 101 -22.75 -21.30 -11.73
N GLY A 102 -23.97 -21.09 -11.26
CA GLY A 102 -24.21 -20.92 -9.84
C GLY A 102 -24.15 -19.49 -9.36
N ILE A 103 -23.66 -18.56 -10.17
CA ILE A 103 -23.61 -17.16 -9.80
C ILE A 103 -24.89 -16.48 -10.27
N ARG A 104 -25.58 -15.82 -9.34
CA ARG A 104 -26.88 -15.23 -9.60
C ARG A 104 -26.77 -13.71 -9.52
N LEU A 105 -27.83 -13.03 -9.98
CA LEU A 105 -27.86 -11.57 -9.91
C LEU A 105 -27.69 -11.11 -8.46
N LEU A 106 -28.27 -11.83 -7.51
CA LEU A 106 -28.10 -11.52 -6.10
C LEU A 106 -26.63 -11.31 -5.75
N HIS A 107 -25.76 -12.19 -6.25
CA HIS A 107 -24.35 -12.16 -5.86
C HIS A 107 -23.65 -10.92 -6.41
N LEU A 108 -23.85 -10.61 -7.69
CA LEU A 108 -23.24 -9.40 -8.25
C LEU A 108 -23.74 -8.17 -7.51
N ALA A 109 -25.03 -8.16 -7.14
CA ALA A 109 -25.61 -7.01 -6.48
C ALA A 109 -25.13 -6.83 -5.05
N THR A 110 -24.63 -7.89 -4.40
CA THR A 110 -24.25 -7.81 -2.99
C THR A 110 -22.81 -8.21 -2.73
N TYR A 111 -21.96 -8.20 -3.76
CA TYR A 111 -20.53 -8.42 -3.63
C TYR A 111 -20.18 -9.83 -3.11
N THR A 112 -21.07 -10.80 -3.30
CA THR A 112 -20.87 -12.15 -2.79
C THR A 112 -20.58 -13.15 -3.90
N GLU A 113 -20.28 -12.68 -5.11
CA GLU A 113 -20.10 -13.55 -6.27
C GLU A 113 -18.89 -14.47 -6.14
N GLY A 114 -17.96 -14.19 -5.23
CA GLY A 114 -16.82 -15.06 -5.08
C GLY A 114 -15.47 -14.40 -5.28
N GLY A 115 -15.45 -13.06 -5.39
CA GLY A 115 -14.20 -12.34 -5.37
C GLY A 115 -13.76 -11.71 -6.68
N LEU A 116 -14.61 -10.88 -7.27
CA LEU A 116 -14.19 -10.11 -8.43
C LEU A 116 -13.28 -8.97 -7.98
N PRO A 117 -12.36 -8.53 -8.85
CA PRO A 117 -11.44 -7.45 -8.46
C PRO A 117 -12.16 -6.15 -8.13
N LEU A 118 -11.50 -5.35 -7.28
CA LEU A 118 -12.09 -4.11 -6.81
C LEU A 118 -12.45 -3.17 -7.95
N LYS A 119 -11.59 -3.10 -8.96
CA LYS A 119 -11.76 -2.19 -10.07
C LYS A 119 -11.70 -2.97 -11.38
N ILE A 120 -12.43 -2.48 -12.37
CA ILE A 120 -12.18 -2.97 -13.73
C ILE A 120 -10.84 -2.41 -14.19
N PRO A 121 -9.92 -3.25 -14.65
CA PRO A 121 -8.57 -2.76 -15.00
C PRO A 121 -8.64 -1.68 -16.07
N ASP A 122 -7.64 -0.79 -16.04
CA ASP A 122 -7.58 0.28 -17.03
C ASP A 122 -7.36 -0.25 -18.45
N ASP A 123 -6.78 -1.45 -18.58
CA ASP A 123 -6.62 -2.08 -19.89
C ASP A 123 -7.97 -2.29 -20.58
N VAL A 124 -9.01 -2.61 -19.82
CA VAL A 124 -10.29 -2.99 -20.38
C VAL A 124 -11.00 -1.75 -20.90
N ARG A 125 -11.23 -1.69 -22.21
CA ARG A 125 -11.83 -0.50 -22.81
C ARG A 125 -13.01 -0.75 -23.73
N ASP A 126 -13.35 -1.99 -24.04
CA ASP A 126 -14.50 -2.26 -24.89
C ASP A 126 -15.14 -3.57 -24.49
N LYS A 127 -16.28 -3.88 -25.13
CA LYS A 127 -17.03 -5.09 -24.81
C LYS A 127 -16.12 -6.32 -24.79
N ALA A 128 -15.30 -6.48 -25.83
CA ALA A 128 -14.45 -7.67 -25.93
C ALA A 128 -13.48 -7.77 -24.76
N ALA A 129 -12.84 -6.65 -24.41
CA ALA A 129 -11.95 -6.66 -23.26
C ALA A 129 -12.71 -6.99 -21.99
N LEU A 130 -13.94 -6.48 -21.87
CA LEU A 130 -14.74 -6.69 -20.67
C LEU A 130 -15.28 -8.11 -20.58
N LEU A 131 -15.79 -8.64 -21.68
CA LEU A 131 -16.24 -10.03 -21.68
C LEU A 131 -15.07 -10.97 -21.40
N HIS A 132 -13.94 -10.75 -22.09
CA HIS A 132 -12.74 -11.53 -21.81
C HIS A 132 -12.31 -11.38 -20.35
N PHE A 133 -12.48 -10.18 -19.78
CA PHE A 133 -12.08 -9.96 -18.39
C PHE A 133 -12.89 -10.84 -17.45
N TYR A 134 -14.21 -10.86 -17.64
CA TYR A 134 -15.07 -11.68 -16.78
C TYR A 134 -14.94 -13.16 -17.10
N GLN A 135 -14.74 -13.51 -18.38
CA GLN A 135 -14.64 -14.91 -18.76
C GLN A 135 -13.45 -15.59 -18.09
N ASN A 136 -12.35 -14.88 -17.95
CA ASN A 136 -11.11 -15.46 -17.43
C ASN A 136 -10.92 -15.20 -15.94
N TRP A 137 -11.83 -14.50 -15.29
CA TRP A 137 -11.75 -14.32 -13.86
C TRP A 137 -11.96 -15.65 -13.15
N GLN A 138 -11.03 -16.02 -12.28
CA GLN A 138 -11.20 -17.22 -11.50
C GLN A 138 -11.68 -16.88 -10.11
N PRO A 139 -12.79 -17.46 -9.65
CA PRO A 139 -13.31 -17.15 -8.32
C PRO A 139 -12.38 -17.64 -7.23
N GLN A 140 -12.42 -16.93 -6.10
CA GLN A 140 -11.69 -17.34 -4.91
C GLN A 140 -12.54 -18.12 -3.93
N TRP A 141 -13.85 -17.85 -3.89
CA TRP A 141 -14.78 -18.53 -3.02
C TRP A 141 -16.03 -18.88 -3.81
N THR A 142 -16.75 -19.86 -3.28
CA THR A 142 -18.03 -20.25 -3.85
C THR A 142 -19.02 -19.09 -3.69
N PRO A 143 -20.01 -18.98 -4.58
CA PRO A 143 -20.96 -17.86 -4.49
C PRO A 143 -21.69 -17.85 -3.16
N GLY A 144 -21.75 -16.67 -2.55
CA GLY A 144 -22.35 -16.52 -1.24
C GLY A 144 -21.47 -16.83 -0.06
N ALA A 145 -20.21 -17.18 -0.27
CA ALA A 145 -19.35 -17.48 0.87
C ALA A 145 -18.93 -16.20 1.59
N LYS A 146 -18.40 -15.24 0.84
CA LYS A 146 -17.85 -14.04 1.44
C LYS A 146 -18.38 -12.80 0.73
N ARG A 147 -18.39 -11.71 1.45
CA ARG A 147 -18.64 -10.39 0.87
C ARG A 147 -17.28 -9.74 0.64
N LEU A 148 -17.01 -9.35 -0.60
CA LEU A 148 -15.81 -8.58 -0.95
C LEU A 148 -16.25 -7.39 -1.79
N TYR A 149 -16.25 -6.22 -1.18
CA TYR A 149 -16.71 -5.00 -1.82
C TYR A 149 -15.93 -4.76 -3.11
N ALA A 150 -16.65 -4.39 -4.18
CA ALA A 150 -15.99 -4.13 -5.45
C ALA A 150 -16.86 -3.26 -6.34
N ASN A 151 -16.22 -2.60 -7.31
CA ASN A 151 -16.93 -1.95 -8.40
C ASN A 151 -17.41 -2.94 -9.44
N SER A 152 -16.61 -3.98 -9.70
CA SER A 152 -16.82 -4.83 -10.87
C SER A 152 -18.03 -5.74 -10.74
N SER A 153 -18.47 -6.07 -9.52
CA SER A 153 -19.62 -6.96 -9.37
C SER A 153 -20.93 -6.20 -9.43
N ILE A 154 -21.11 -5.22 -8.54
CA ILE A 154 -22.35 -4.45 -8.61
C ILE A 154 -22.41 -3.63 -9.88
N GLY A 155 -21.26 -3.30 -10.47
CA GLY A 155 -21.27 -2.63 -11.77
C GLY A 155 -21.86 -3.49 -12.85
N LEU A 156 -21.47 -4.77 -12.89
CA LEU A 156 -22.06 -5.68 -13.86
C LEU A 156 -23.53 -5.92 -13.57
N PHE A 157 -23.88 -6.00 -12.28
CA PHE A 157 -25.28 -6.20 -11.91
C PHE A 157 -26.17 -5.12 -12.53
N GLY A 158 -25.74 -3.85 -12.45
CA GLY A 158 -26.56 -2.78 -12.98
C GLY A 158 -26.70 -2.83 -14.49
N ALA A 159 -25.64 -3.25 -15.19
CA ALA A 159 -25.71 -3.34 -16.64
C ALA A 159 -26.60 -4.49 -17.08
N LEU A 160 -26.60 -5.59 -16.33
CA LEU A 160 -27.45 -6.71 -16.68
C LEU A 160 -28.89 -6.48 -16.25
N ALA A 161 -29.08 -5.80 -15.12
CA ALA A 161 -30.43 -5.56 -14.59
C ALA A 161 -31.31 -4.82 -15.58
N VAL A 162 -30.73 -3.94 -16.40
CA VAL A 162 -31.48 -3.10 -17.32
C VAL A 162 -31.75 -3.75 -18.67
N LYS A 163 -31.12 -4.89 -18.96
CA LYS A 163 -31.31 -5.52 -20.26
C LYS A 163 -32.75 -5.91 -20.54
N PRO A 164 -33.55 -6.43 -19.59
CA PRO A 164 -34.97 -6.68 -19.92
C PRO A 164 -35.70 -5.46 -20.43
N SER A 165 -35.50 -4.28 -19.83
CA SER A 165 -36.16 -3.05 -20.28
C SER A 165 -35.76 -2.63 -21.69
N GLY A 166 -34.77 -3.28 -22.29
CA GLY A 166 -34.26 -2.82 -23.56
C GLY A 166 -33.68 -1.43 -23.54
N MET A 167 -33.39 -0.87 -22.37
CA MET A 167 -32.86 0.48 -22.24
C MET A 167 -31.43 0.43 -21.72
N SER A 168 -30.61 1.38 -22.18
CA SER A 168 -29.27 1.52 -21.61
C SER A 168 -29.38 1.84 -20.12
N TYR A 169 -28.25 1.69 -19.43
CA TYR A 169 -28.25 2.00 -18.01
C TYR A 169 -28.54 3.48 -17.77
N GLU A 170 -27.87 4.35 -18.52
CA GLU A 170 -28.10 5.79 -18.35
C GLU A 170 -29.55 6.14 -18.65
N GLU A 171 -30.07 5.62 -19.76
CA GLU A 171 -31.45 5.92 -20.16
C GLU A 171 -32.45 5.35 -19.17
N ALA A 172 -32.25 4.11 -18.72
CA ALA A 172 -33.16 3.52 -17.74
C ALA A 172 -33.13 4.29 -16.43
N MET A 173 -31.92 4.62 -15.95
CA MET A 173 -31.82 5.37 -14.71
C MET A 173 -32.51 6.72 -14.82
N THR A 174 -32.37 7.37 -15.97
CA THR A 174 -33.06 8.63 -16.19
C THR A 174 -34.58 8.45 -16.20
N ARG A 175 -35.08 7.51 -17.02
CA ARG A 175 -36.53 7.37 -17.16
C ARG A 175 -37.16 6.85 -15.87
N ARG A 176 -36.55 5.85 -15.24
CA ARG A 176 -37.25 5.13 -14.18
C ARG A 176 -36.96 5.62 -12.78
N VAL A 177 -35.90 6.41 -12.58
CA VAL A 177 -35.54 6.85 -11.23
C VAL A 177 -35.39 8.36 -11.15
N LEU A 178 -34.49 8.92 -11.97
CA LEU A 178 -34.14 10.33 -11.85
C LEU A 178 -35.34 11.22 -12.17
N GLN A 179 -35.90 11.08 -13.37
CA GLN A 179 -37.03 11.92 -13.77
C GLN A 179 -38.24 11.78 -12.86
N PRO A 180 -38.71 10.59 -12.48
CA PRO A 180 -39.87 10.53 -11.59
C PRO A 180 -39.63 11.14 -10.22
N LEU A 181 -38.38 11.15 -9.75
CA LEU A 181 -38.05 11.72 -8.45
C LEU A 181 -37.68 13.20 -8.53
N LYS A 182 -37.64 13.78 -9.74
CA LYS A 182 -37.35 15.20 -9.96
C LYS A 182 -35.90 15.53 -9.64
N LEU A 183 -35.00 14.60 -9.95
CA LEU A 183 -33.56 14.80 -9.79
C LEU A 183 -33.02 15.39 -11.09
N ALA A 184 -33.26 16.69 -11.28
CA ALA A 184 -32.87 17.34 -12.53
C ALA A 184 -31.42 17.79 -12.55
N HIS A 185 -30.66 17.58 -11.48
CA HIS A 185 -29.26 17.95 -11.46
C HIS A 185 -28.40 16.78 -11.02
N THR A 186 -28.77 15.59 -11.48
CA THR A 186 -28.04 14.36 -11.21
C THR A 186 -27.70 13.73 -12.55
N TRP A 187 -26.42 13.59 -12.83
CA TRP A 187 -25.97 13.27 -14.17
C TRP A 187 -24.98 12.12 -14.16
N ILE A 188 -25.05 11.30 -15.21
CA ILE A 188 -23.96 10.41 -15.51
C ILE A 188 -22.94 11.08 -16.41
N THR A 189 -23.39 11.73 -17.47
CA THR A 189 -22.55 12.60 -18.27
C THR A 189 -23.10 14.03 -18.13
N VAL A 190 -22.31 14.89 -17.47
CA VAL A 190 -22.68 16.29 -17.25
C VAL A 190 -22.83 17.00 -18.60
N PRO A 191 -23.98 17.60 -18.88
CA PRO A 191 -24.17 18.30 -20.15
C PRO A 191 -23.31 19.55 -20.27
N GLN A 192 -23.12 19.98 -21.52
CA GLN A 192 -22.33 21.17 -21.82
C GLN A 192 -22.80 22.38 -21.01
N ASN A 193 -24.11 22.61 -20.98
CA ASN A 193 -24.66 23.77 -20.27
C ASN A 193 -24.47 23.68 -18.76
N GLU A 194 -24.12 22.51 -18.22
CA GLU A 194 -23.93 22.36 -16.79
C GLU A 194 -22.47 22.22 -16.38
N GLN A 195 -21.54 22.18 -17.35
CA GLN A 195 -20.13 22.04 -17.01
C GLN A 195 -19.66 23.09 -16.00
N LYS A 196 -20.19 24.32 -16.11
CA LYS A 196 -19.73 25.40 -15.23
C LYS A 196 -20.09 25.14 -13.77
N ASP A 197 -21.12 24.34 -13.51
CA ASP A 197 -21.50 23.96 -12.16
C ASP A 197 -20.76 22.72 -11.67
N TYR A 198 -19.94 22.11 -12.51
CA TYR A 198 -19.25 20.88 -12.16
C TYR A 198 -18.00 21.27 -11.38
N ALA A 199 -18.04 21.06 -10.05
CA ALA A 199 -16.88 21.37 -9.23
C ALA A 199 -15.69 20.54 -9.67
N TRP A 200 -14.50 21.07 -9.37
CA TRP A 200 -13.25 20.34 -9.52
C TRP A 200 -12.94 19.63 -8.22
N GLY A 201 -12.49 18.38 -8.34
CA GLY A 201 -11.91 17.71 -7.20
C GLY A 201 -10.47 18.11 -7.00
N TYR A 202 -9.98 17.92 -5.79
CA TYR A 202 -8.62 18.32 -5.44
C TYR A 202 -7.90 17.15 -4.79
N ARG A 203 -6.75 16.77 -5.38
CA ARG A 203 -5.90 15.72 -4.87
C ARG A 203 -4.46 16.24 -4.90
N GLU A 204 -3.83 16.31 -3.73
CA GLU A 204 -2.49 16.91 -3.59
C GLU A 204 -2.47 18.34 -4.11
N GLY A 205 -3.56 19.07 -3.92
CA GLY A 205 -3.59 20.47 -4.31
C GLY A 205 -3.68 20.72 -5.79
N LYS A 206 -4.24 19.78 -6.56
CA LYS A 206 -4.38 19.94 -8.00
C LYS A 206 -5.81 19.58 -8.40
N PRO A 207 -6.41 20.32 -9.33
CA PRO A 207 -7.79 20.02 -9.72
C PRO A 207 -7.85 18.79 -10.62
N VAL A 208 -8.84 17.94 -10.37
CA VAL A 208 -8.99 16.69 -11.11
C VAL A 208 -10.47 16.37 -11.27
N HIS A 209 -10.79 15.75 -12.40
CA HIS A 209 -12.08 15.10 -12.61
C HIS A 209 -11.82 13.63 -12.87
N SER A 210 -12.79 12.79 -12.54
CA SER A 210 -12.59 11.38 -12.80
C SER A 210 -12.72 11.13 -14.29
N SER A 211 -12.01 10.15 -14.75
CA SER A 211 -12.02 9.73 -16.14
C SER A 211 -13.07 8.66 -16.39
N PRO A 212 -13.58 8.57 -17.61
CA PRO A 212 -14.53 7.50 -17.91
C PRO A 212 -13.86 6.13 -17.84
N GLY A 213 -14.66 5.12 -17.53
CA GLY A 213 -14.18 3.76 -17.52
C GLY A 213 -15.33 2.79 -17.72
N GLN A 214 -14.99 1.56 -18.06
CA GLN A 214 -16.02 0.54 -18.25
C GLN A 214 -16.84 0.38 -16.98
N LEU A 215 -18.17 0.38 -17.14
CA LEU A 215 -19.13 0.24 -16.04
C LEU A 215 -18.99 1.35 -15.00
N ASP A 216 -18.65 2.57 -15.43
CA ASP A 216 -18.46 3.65 -14.46
C ASP A 216 -19.79 4.22 -13.97
N ALA A 217 -20.76 4.37 -14.87
CA ALA A 217 -22.07 4.86 -14.45
C ALA A 217 -22.67 3.98 -13.36
N GLU A 218 -22.50 2.66 -13.47
CA GLU A 218 -23.11 1.74 -12.53
C GLU A 218 -22.40 1.73 -11.18
N ALA A 219 -21.10 1.98 -11.15
CA ALA A 219 -20.35 1.83 -9.91
C ALA A 219 -19.97 3.14 -9.24
N TYR A 220 -19.53 4.16 -9.99
CA TYR A 220 -18.96 5.32 -9.32
C TYR A 220 -19.15 6.64 -10.07
N GLY A 221 -19.88 6.68 -11.18
CA GLY A 221 -19.82 7.81 -12.08
C GLY A 221 -20.91 8.85 -12.00
N VAL A 222 -21.77 8.83 -10.99
CA VAL A 222 -22.87 9.79 -10.90
C VAL A 222 -22.36 11.10 -10.30
N LYS A 223 -22.78 12.22 -10.89
CA LYS A 223 -22.54 13.56 -10.35
C LYS A 223 -23.88 14.18 -9.97
N SER A 224 -23.91 14.95 -8.89
CA SER A 224 -25.18 15.45 -8.41
C SER A 224 -24.95 16.65 -7.49
N SER A 225 -26.02 17.40 -7.26
CA SER A 225 -25.99 18.59 -6.43
C SER A 225 -26.46 18.26 -5.03
N VAL A 226 -26.29 19.22 -4.11
CA VAL A 226 -26.72 18.96 -2.75
C VAL A 226 -28.25 18.94 -2.67
N ILE A 227 -28.92 19.64 -3.58
CA ILE A 227 -30.39 19.65 -3.54
C ILE A 227 -30.93 18.31 -4.00
N ASP A 228 -30.37 17.75 -5.06
CA ASP A 228 -30.82 16.43 -5.51
C ASP A 228 -30.52 15.36 -4.48
N MET A 229 -29.31 15.38 -3.92
CA MET A 229 -28.97 14.36 -2.94
C MET A 229 -29.84 14.46 -1.70
N ALA A 230 -30.23 15.68 -1.33
CA ALA A 230 -31.21 15.83 -0.26
C ALA A 230 -32.54 15.18 -0.65
N ARG A 231 -32.95 15.38 -1.91
CA ARG A 231 -34.18 14.75 -2.38
C ARG A 231 -33.99 13.25 -2.48
N TRP A 232 -32.80 12.79 -2.87
CA TRP A 232 -32.52 11.36 -2.96
C TRP A 232 -32.61 10.71 -1.57
N VAL A 233 -32.06 11.35 -0.55
CA VAL A 233 -32.16 10.79 0.80
C VAL A 233 -33.60 10.84 1.29
N GLN A 234 -34.29 11.94 1.03
CA GLN A 234 -35.70 12.08 1.40
C GLN A 234 -36.53 10.91 0.86
N ALA A 235 -36.36 10.62 -0.44
CA ALA A 235 -37.16 9.58 -1.08
C ALA A 235 -36.80 8.20 -0.55
N ASN A 236 -35.51 7.93 -0.35
CA ASN A 236 -35.13 6.63 0.19
C ASN A 236 -35.54 6.47 1.64
N MET A 237 -35.53 7.56 2.41
CA MET A 237 -35.95 7.47 3.80
C MET A 237 -37.46 7.23 3.91
N ASP A 238 -38.27 7.95 3.12
CA ASP A 238 -39.73 7.84 3.17
C ASP A 238 -40.30 7.95 1.75
N ALA A 239 -40.51 6.79 1.12
CA ALA A 239 -41.08 6.73 -0.21
C ALA A 239 -42.60 6.67 -0.21
N SER A 240 -43.22 7.00 0.93
CA SER A 240 -44.66 6.85 1.07
C SER A 240 -45.45 7.73 0.13
N HIS A 241 -44.84 8.79 -0.42
CA HIS A 241 -45.52 9.64 -1.38
C HIS A 241 -44.92 9.56 -2.77
N VAL A 242 -44.09 8.54 -3.03
CA VAL A 242 -43.67 8.25 -4.39
C VAL A 242 -44.84 7.66 -5.15
N GLN A 243 -45.15 8.22 -6.31
CA GLN A 243 -46.36 7.84 -7.04
C GLN A 243 -46.19 6.54 -7.82
N GLU A 244 -45.00 6.29 -8.36
CA GLU A 244 -44.71 5.09 -9.13
C GLU A 244 -44.63 3.90 -8.20
N LYS A 245 -45.59 2.97 -8.32
CA LYS A 245 -45.64 1.82 -7.42
C LYS A 245 -44.37 1.00 -7.48
N THR A 246 -43.81 0.80 -8.68
CA THR A 246 -42.61 -0.03 -8.80
C THR A 246 -41.38 0.67 -8.24
N LEU A 247 -41.28 1.99 -8.46
CA LEU A 247 -40.16 2.73 -7.87
C LEU A 247 -40.28 2.77 -6.35
N GLN A 248 -41.50 2.93 -5.85
CA GLN A 248 -41.70 2.93 -4.40
C GLN A 248 -41.24 1.60 -3.78
N GLN A 249 -41.57 0.48 -4.42
CA GLN A 249 -41.14 -0.82 -3.90
C GLN A 249 -39.67 -1.09 -4.17
N GLY A 250 -39.14 -0.59 -5.29
CA GLY A 250 -37.72 -0.73 -5.54
C GLY A 250 -36.89 -0.10 -4.43
N ILE A 251 -37.30 1.08 -3.97
CA ILE A 251 -36.66 1.72 -2.83
C ILE A 251 -36.76 0.82 -1.60
N ALA A 252 -37.93 0.24 -1.37
CA ALA A 252 -38.08 -0.67 -0.23
C ALA A 252 -37.17 -1.88 -0.37
N LEU A 253 -37.09 -2.46 -1.57
CA LEU A 253 -36.26 -3.64 -1.74
C LEU A 253 -34.78 -3.32 -1.53
N ALA A 254 -34.34 -2.12 -1.93
CA ALA A 254 -32.94 -1.74 -1.76
C ALA A 254 -32.54 -1.66 -0.30
N GLN A 255 -33.49 -1.37 0.60
CA GLN A 255 -33.22 -1.37 2.02
C GLN A 255 -33.60 -2.67 2.71
N SER A 256 -34.01 -3.68 1.95
CA SER A 256 -34.15 -5.00 2.55
C SER A 256 -32.77 -5.54 2.90
N ARG A 257 -32.72 -6.49 3.82
CA ARG A 257 -31.46 -7.06 4.29
C ARG A 257 -31.21 -8.40 3.60
N TYR A 258 -30.13 -8.47 2.81
CA TYR A 258 -29.82 -9.67 2.03
C TYR A 258 -28.71 -10.52 2.61
N TRP A 259 -27.83 -9.94 3.43
CA TRP A 259 -26.71 -10.65 4.02
C TRP A 259 -26.35 -9.97 5.34
N ARG A 260 -25.90 -10.76 6.29
CA ARG A 260 -25.35 -10.24 7.53
C ARG A 260 -23.83 -10.43 7.50
N ILE A 261 -23.10 -9.35 7.73
CA ILE A 261 -21.64 -9.37 7.85
C ILE A 261 -21.32 -8.67 9.16
N GLY A 262 -21.22 -9.44 10.24
CA GLY A 262 -21.05 -8.87 11.56
C GLY A 262 -22.28 -8.08 11.99
N ASP A 263 -22.09 -6.78 12.24
CA ASP A 263 -23.18 -5.88 12.61
C ASP A 263 -23.78 -5.15 11.42
N MET A 264 -23.24 -5.34 10.24
CA MET A 264 -23.73 -4.66 9.05
C MET A 264 -24.60 -5.61 8.24
N TYR A 265 -25.60 -5.04 7.56
CA TYR A 265 -26.47 -5.79 6.68
C TYR A 265 -26.40 -5.21 5.28
N GLN A 266 -26.23 -6.06 4.28
CA GLN A 266 -26.06 -5.63 2.91
C GLN A 266 -27.43 -5.49 2.24
N GLY A 267 -27.75 -4.27 1.80
CA GLY A 267 -28.88 -4.02 0.94
C GLY A 267 -28.48 -4.08 -0.51
N LEU A 268 -29.24 -3.40 -1.35
CA LEU A 268 -28.86 -3.18 -2.75
C LEU A 268 -28.26 -1.79 -2.84
N GLY A 269 -26.93 -1.71 -2.87
CA GLY A 269 -26.25 -0.44 -2.82
C GLY A 269 -26.14 0.07 -1.39
N TRP A 270 -27.29 0.29 -0.74
CA TRP A 270 -27.31 0.76 0.63
C TRP A 270 -26.72 -0.28 1.56
N GLU A 271 -26.13 0.20 2.65
CA GLU A 271 -25.71 -0.65 3.75
C GLU A 271 -26.38 -0.16 5.02
N MET A 272 -26.59 -1.08 5.95
CA MET A 272 -27.38 -0.80 7.15
C MET A 272 -26.71 -1.34 8.39
N LEU A 273 -26.90 -0.64 9.50
CA LEU A 273 -26.63 -1.18 10.81
C LEU A 273 -27.82 -0.85 11.71
N ASN A 274 -27.95 -1.61 12.80
CA ASN A 274 -29.04 -1.39 13.72
C ASN A 274 -28.88 -0.06 14.43
N TRP A 275 -29.97 0.62 14.59
CA TRP A 275 -30.07 1.86 15.32
C TRP A 275 -30.87 1.63 16.60
N PRO A 276 -30.44 2.19 17.75
CA PRO A 276 -29.29 3.09 17.89
C PRO A 276 -27.97 2.33 17.96
N LEU A 277 -26.86 3.01 17.73
CA LEU A 277 -25.57 2.35 17.71
C LEU A 277 -24.47 3.33 18.09
N LYS A 278 -23.36 2.77 18.58
CA LYS A 278 -22.21 3.58 18.96
C LYS A 278 -21.49 4.10 17.73
N ALA A 279 -20.86 5.27 17.87
CA ALA A 279 -20.11 5.84 16.76
C ALA A 279 -18.98 4.93 16.33
N ASP A 280 -18.27 4.34 17.30
CA ASP A 280 -17.14 3.47 16.99
C ASP A 280 -17.55 2.25 16.17
N SER A 281 -18.81 1.82 16.30
CA SER A 281 -19.29 0.65 15.57
C SER A 281 -19.52 0.92 14.09
N ILE A 282 -19.64 2.17 13.68
CA ILE A 282 -19.59 2.52 12.26
C ILE A 282 -18.18 2.90 11.84
N ILE A 283 -17.52 3.71 12.67
CA ILE A 283 -16.15 4.13 12.44
C ILE A 283 -15.23 2.93 12.30
N VAL A 290 -13.54 -3.52 9.15
CA VAL A 290 -12.73 -3.73 7.97
C VAL A 290 -13.62 -3.80 6.72
N ALA A 291 -13.87 -2.64 6.10
CA ALA A 291 -14.78 -2.57 4.96
C ALA A 291 -14.14 -3.07 3.67
N LEU A 292 -12.82 -2.97 3.54
CA LEU A 292 -12.09 -3.44 2.38
C LEU A 292 -11.55 -4.86 2.55
N ALA A 293 -12.09 -5.61 3.51
CA ALA A 293 -11.66 -6.98 3.78
C ALA A 293 -12.77 -7.94 3.41
N ALA A 294 -12.38 -9.14 3.01
CA ALA A 294 -13.35 -10.19 2.66
C ALA A 294 -13.79 -10.90 3.94
N LEU A 295 -15.09 -10.92 4.18
CA LEU A 295 -15.64 -11.47 5.42
C LEU A 295 -16.73 -12.48 5.12
N PRO A 296 -16.89 -13.50 5.97
CA PRO A 296 -17.99 -14.46 5.79
C PRO A 296 -19.33 -13.75 5.77
N ALA A 297 -20.15 -14.12 4.78
CA ALA A 297 -21.47 -13.54 4.61
C ALA A 297 -22.54 -14.56 4.99
N VAL A 298 -23.48 -14.14 5.83
CA VAL A 298 -24.59 -14.99 6.24
C VAL A 298 -25.82 -14.53 5.47
N GLU A 299 -26.40 -15.44 4.69
CA GLU A 299 -27.52 -15.07 3.83
C GLU A 299 -28.80 -14.90 4.63
N VAL A 300 -29.53 -13.84 4.30
CA VAL A 300 -30.86 -13.57 4.86
C VAL A 300 -31.86 -13.86 3.75
N ASN A 301 -32.55 -15.00 3.86
CA ASN A 301 -33.38 -15.48 2.78
C ASN A 301 -34.67 -16.02 3.38
N PRO A 302 -35.84 -15.42 3.06
CA PRO A 302 -35.96 -14.25 2.18
C PRO A 302 -35.31 -13.03 2.80
N PRO A 303 -34.97 -12.05 1.97
CA PRO A 303 -34.49 -10.77 2.49
C PRO A 303 -35.44 -10.20 3.52
N ALA A 304 -34.89 -9.76 4.65
CA ALA A 304 -35.73 -9.19 5.71
C ALA A 304 -36.20 -7.80 5.30
N PRO A 305 -37.48 -7.47 5.46
CA PRO A 305 -37.94 -6.14 5.08
C PRO A 305 -37.27 -5.05 5.90
N ALA A 306 -37.34 -3.83 5.39
CA ALA A 306 -36.67 -2.70 6.01
C ALA A 306 -37.26 -2.37 7.37
N VAL A 307 -36.40 -2.01 8.31
CA VAL A 307 -36.82 -1.61 9.65
C VAL A 307 -36.41 -0.16 9.88
N LYS A 308 -37.27 0.59 10.56
CA LYS A 308 -37.01 2.01 10.79
C LYS A 308 -35.75 2.21 11.63
N ALA A 309 -35.56 1.39 12.66
CA ALA A 309 -34.46 1.56 13.62
C ALA A 309 -33.14 1.08 13.01
N SER A 310 -32.79 1.67 11.88
CA SER A 310 -31.53 1.33 11.24
C SER A 310 -30.82 2.62 10.83
N TRP A 311 -29.52 2.48 10.63
CA TRP A 311 -28.65 3.54 10.13
C TRP A 311 -28.29 3.12 8.71
N VAL A 312 -28.92 3.74 7.72
CA VAL A 312 -28.72 3.39 6.32
C VAL A 312 -27.72 4.39 5.73
N HIS A 313 -26.67 3.88 5.08
CA HIS A 313 -25.62 4.78 4.65
C HIS A 313 -24.85 4.20 3.47
N LYS A 314 -24.12 5.09 2.79
CA LYS A 314 -23.16 4.69 1.78
C LYS A 314 -22.09 5.76 1.70
N THR A 315 -20.85 5.32 1.63
CA THR A 315 -19.72 6.19 1.39
C THR A 315 -19.29 6.04 -0.06
N GLY A 316 -18.63 7.07 -0.58
CA GLY A 316 -18.09 7.02 -1.92
C GLY A 316 -16.88 7.93 -2.03
N SER A 317 -15.96 7.55 -2.91
CA SER A 317 -14.81 8.39 -3.18
C SER A 317 -14.41 8.26 -4.63
N THR A 318 -13.90 9.36 -5.18
CA THR A 318 -13.16 9.38 -6.43
C THR A 318 -11.79 9.97 -6.14
N GLY A 319 -11.01 10.21 -7.22
CA GLY A 319 -9.71 10.81 -7.04
C GLY A 319 -9.76 12.13 -6.31
N GLY A 320 -10.76 12.94 -6.59
CA GLY A 320 -10.79 14.26 -6.01
C GLY A 320 -11.98 14.59 -5.13
N PHE A 321 -12.82 13.60 -4.81
CA PHE A 321 -14.05 13.86 -4.07
C PHE A 321 -14.27 12.81 -3.00
N GLY A 322 -14.87 13.25 -1.90
CA GLY A 322 -15.37 12.35 -0.88
C GLY A 322 -16.83 12.65 -0.61
N SER A 323 -17.67 11.61 -0.66
CA SER A 323 -19.10 11.73 -0.41
C SER A 323 -19.52 10.78 0.70
N TYR A 324 -20.62 11.12 1.36
CA TYR A 324 -21.19 10.26 2.39
C TYR A 324 -22.64 10.66 2.59
N VAL A 325 -23.53 9.68 2.62
CA VAL A 325 -24.94 9.92 2.90
C VAL A 325 -25.36 8.92 3.95
N ALA A 326 -26.28 9.34 4.82
CA ALA A 326 -26.73 8.49 5.91
C ALA A 326 -28.08 9.00 6.41
N PHE A 327 -28.97 8.08 6.77
CA PHE A 327 -30.24 8.45 7.34
C PHE A 327 -30.73 7.37 8.28
N VAL A 328 -31.59 7.77 9.21
CA VAL A 328 -32.21 6.89 10.18
C VAL A 328 -33.72 7.05 10.05
N PRO A 329 -34.39 6.12 9.37
CA PRO A 329 -35.81 6.33 9.06
C PRO A 329 -36.69 6.53 10.28
N GLU A 330 -36.36 5.91 11.42
CA GLU A 330 -37.21 6.05 12.60
C GLU A 330 -37.32 7.50 13.06
N LYS A 331 -36.37 8.36 12.67
CA LYS A 331 -36.31 9.73 13.15
C LYS A 331 -36.57 10.75 12.05
N ASN A 332 -36.86 10.30 10.83
CA ASN A 332 -36.99 11.18 9.67
C ASN A 332 -35.77 12.11 9.59
N LEU A 333 -34.59 11.52 9.77
CA LEU A 333 -33.36 12.24 10.06
C LEU A 333 -32.27 11.74 9.12
N GLY A 334 -31.48 12.65 8.57
CA GLY A 334 -30.51 12.21 7.57
C GLY A 334 -29.58 13.33 7.20
N ILE A 335 -28.51 12.95 6.51
CA ILE A 335 -27.46 13.90 6.17
C ILE A 335 -26.81 13.50 4.85
N VAL A 336 -26.51 14.52 4.05
CA VAL A 336 -25.71 14.41 2.83
C VAL A 336 -24.45 15.25 3.01
N MET A 337 -23.29 14.65 2.72
CA MET A 337 -22.02 15.34 2.86
C MET A 337 -21.23 15.19 1.56
N LEU A 338 -21.01 16.32 0.88
CA LEU A 338 -20.32 16.35 -0.41
C LEU A 338 -19.09 17.23 -0.26
N ALA A 339 -17.95 16.74 -0.74
CA ALA A 339 -16.71 17.49 -0.67
C ALA A 339 -15.92 17.29 -1.95
N ASN A 340 -15.25 18.33 -2.41
CA ASN A 340 -14.36 18.21 -3.57
C ASN A 340 -12.93 17.95 -3.15
N LYS A 341 -12.78 17.11 -2.11
CA LYS A 341 -11.52 16.50 -1.73
C LYS A 341 -11.83 15.19 -1.01
N SER A 342 -11.10 14.14 -1.36
CA SER A 342 -11.27 12.85 -0.70
C SER A 342 -10.58 12.89 0.65
N TYR A 343 -11.31 12.52 1.70
CA TYR A 343 -10.76 12.57 3.05
C TYR A 343 -11.23 11.34 3.80
N PRO A 344 -10.53 10.95 4.88
CA PRO A 344 -10.69 9.59 5.43
C PRO A 344 -12.11 9.26 5.85
N TYR A 345 -12.51 8.03 5.53
CA TYR A 345 -13.86 7.54 5.82
C TYR A 345 -14.27 7.70 7.28
N PRO A 346 -13.45 7.35 8.27
CA PRO A 346 -13.88 7.54 9.67
C PRO A 346 -14.12 8.99 10.03
N VAL A 347 -13.49 9.93 9.33
CA VAL A 347 -13.75 11.34 9.61
C VAL A 347 -15.15 11.72 9.13
N ARG A 348 -15.57 11.22 7.98
CA ARG A 348 -16.93 11.50 7.51
C ARG A 348 -17.96 10.94 8.48
N VAL A 349 -17.85 9.63 8.79
CA VAL A 349 -18.76 8.98 9.73
C VAL A 349 -18.83 9.74 11.05
N GLU A 350 -17.67 10.12 11.57
CA GLU A 350 -17.67 10.78 12.87
C GLU A 350 -18.38 12.13 12.80
N ALA A 351 -18.21 12.85 11.69
CA ALA A 351 -18.87 14.14 11.56
C ALA A 351 -20.36 13.98 11.32
N ALA A 352 -20.74 13.02 10.48
CA ALA A 352 -22.15 12.71 10.30
C ALA A 352 -22.80 12.38 11.63
N TRP A 353 -22.16 11.49 12.40
CA TRP A 353 -22.72 11.08 13.69
C TRP A 353 -22.83 12.25 14.64
N ARG A 354 -21.78 13.08 14.71
CA ARG A 354 -21.81 14.23 15.63
C ARG A 354 -22.99 15.14 15.32
N ILE A 355 -23.25 15.40 14.04
CA ILE A 355 -24.35 16.28 13.66
C ILE A 355 -25.70 15.64 13.99
N LEU A 356 -25.90 14.39 13.54
CA LEU A 356 -27.20 13.74 13.73
C LEU A 356 -27.47 13.41 15.19
N GLU A 357 -26.43 13.23 16.01
CA GLU A 357 -26.66 12.93 17.41
C GLU A 357 -27.20 14.13 18.17
N LYS A 358 -26.88 15.34 17.71
CA LYS A 358 -27.40 16.53 18.36
C LYS A 358 -28.79 16.92 17.87
N LEU A 359 -29.31 16.26 16.83
CA LEU A 359 -30.63 16.52 16.29
C LEU A 359 -31.67 15.50 16.76
N GLN A 360 -31.48 14.93 17.96
CA GLN A 360 -32.43 13.96 18.47
C GLN A 360 -33.69 14.60 19.04
N MET B 1 32.74 -3.45 33.23
CA MET B 1 32.91 -4.49 32.24
C MET B 1 31.95 -5.64 32.47
N LYS B 2 31.49 -6.23 31.37
CA LYS B 2 30.42 -7.22 31.40
C LYS B 2 31.00 -8.62 31.27
N THR B 3 30.55 -9.53 32.12
CA THR B 3 30.89 -10.92 31.95
C THR B 3 30.12 -11.50 30.78
N GLU B 4 30.56 -12.67 30.31
CA GLU B 4 29.82 -13.38 29.28
C GLU B 4 28.39 -13.67 29.72
N GLN B 5 28.20 -13.96 31.01
CA GLN B 5 26.86 -14.21 31.51
C GLN B 5 26.03 -12.94 31.49
N GLN B 6 26.61 -11.82 31.94
CA GLN B 6 25.88 -10.55 31.92
C GLN B 6 25.42 -10.20 30.51
N ILE B 7 26.28 -10.41 29.52
CA ILE B 7 25.90 -10.13 28.14
C ILE B 7 24.73 -11.02 27.73
N ALA B 8 24.80 -12.30 28.08
CA ALA B 8 23.72 -13.24 27.72
C ALA B 8 22.40 -12.82 28.36
N ASP B 9 22.43 -12.42 29.63
CA ASP B 9 21.22 -11.90 30.27
C ASP B 9 20.67 -10.71 29.51
N ILE B 10 21.54 -9.76 29.16
CA ILE B 10 21.09 -8.57 28.43
C ILE B 10 20.49 -8.98 27.09
N VAL B 11 21.18 -9.87 26.36
CA VAL B 11 20.66 -10.29 25.06
C VAL B 11 19.35 -11.04 25.21
N ASN B 12 19.33 -12.08 26.04
CA ASN B 12 18.11 -12.87 26.21
C ASN B 12 16.95 -12.00 26.67
N ARG B 13 17.21 -11.01 27.51
CA ARG B 13 16.13 -10.17 28.02
C ARG B 13 15.45 -9.39 26.90
N THR B 14 16.17 -9.12 25.82
CA THR B 14 15.61 -8.39 24.70
C THR B 14 15.06 -9.32 23.61
N ILE B 15 15.76 -10.42 23.32
CA ILE B 15 15.40 -11.27 22.18
C ILE B 15 14.19 -12.13 22.50
N THR B 16 14.14 -12.71 23.70
CA THR B 16 13.05 -13.61 24.06
C THR B 16 11.67 -12.98 23.87
N PRO B 17 11.37 -11.79 24.40
CA PRO B 17 10.06 -11.21 24.11
C PRO B 17 9.93 -10.75 22.67
N LEU B 18 11.02 -10.31 22.05
CA LEU B 18 11.01 -9.95 20.64
C LEU B 18 10.52 -11.10 19.78
N MET B 19 11.10 -12.30 19.97
CA MET B 19 10.71 -13.44 19.15
C MET B 19 9.27 -13.85 19.42
N GLN B 20 8.82 -13.75 20.68
CA GLN B 20 7.42 -14.09 20.95
C GLN B 20 6.49 -13.07 20.30
N GLU B 21 6.75 -11.78 20.50
CA GLU B 21 5.81 -10.77 20.01
C GLU B 21 5.79 -10.71 18.49
N GLN B 22 6.93 -10.95 17.84
CA GLN B 22 7.00 -10.92 16.39
C GLN B 22 6.81 -12.29 15.75
N ALA B 23 6.63 -13.34 16.56
CA ALA B 23 6.42 -14.70 16.05
C ALA B 23 7.54 -15.10 15.08
N ILE B 24 8.78 -14.84 15.51
CA ILE B 24 9.95 -15.23 14.72
C ILE B 24 10.28 -16.67 15.08
N PRO B 25 10.37 -17.58 14.09
CA PRO B 25 10.71 -18.97 14.44
C PRO B 25 12.12 -19.14 14.97
N GLY B 26 13.10 -18.45 14.40
CA GLY B 26 14.49 -18.65 14.79
C GLY B 26 15.32 -17.39 14.63
N MET B 27 16.29 -17.21 15.54
CA MET B 27 17.23 -16.11 15.44
C MET B 27 18.64 -16.56 15.78
N ALA B 28 19.60 -15.87 15.19
CA ALA B 28 21.00 -15.98 15.52
C ALA B 28 21.53 -14.59 15.74
N VAL B 29 22.15 -14.36 16.89
CA VAL B 29 22.60 -13.03 17.29
C VAL B 29 24.08 -13.11 17.65
N ALA B 30 24.86 -12.17 17.12
CA ALA B 30 26.26 -12.01 17.51
C ALA B 30 26.43 -10.61 18.07
N VAL B 31 27.00 -10.52 19.26
CA VAL B 31 27.35 -9.24 19.87
C VAL B 31 28.87 -9.13 19.86
N ILE B 32 29.38 -8.08 19.22
CA ILE B 32 30.79 -7.75 19.28
C ILE B 32 31.02 -6.85 20.49
N TYR B 33 31.79 -7.34 21.45
CA TYR B 33 32.07 -6.62 22.68
C TYR B 33 33.56 -6.69 22.93
N GLN B 34 34.22 -5.52 22.95
CA GLN B 34 35.69 -5.44 23.06
C GLN B 34 36.35 -6.21 21.92
N GLY B 35 35.79 -6.09 20.72
CA GLY B 35 36.29 -6.78 19.55
C GLY B 35 36.08 -8.29 19.54
N LYS B 36 35.52 -8.87 20.60
CA LYS B 36 35.32 -10.31 20.67
C LYS B 36 33.85 -10.66 20.48
N PRO B 37 33.53 -11.55 19.54
CA PRO B 37 32.13 -11.89 19.30
C PRO B 37 31.59 -12.89 20.32
N TYR B 38 30.31 -12.71 20.66
CA TYR B 38 29.55 -13.61 21.51
C TYR B 38 28.33 -14.08 20.75
N TYR B 39 28.06 -15.38 20.75
CA TYR B 39 27.08 -15.98 19.85
C TYR B 39 25.86 -16.45 20.62
N PHE B 40 24.69 -16.28 20.01
CA PHE B 40 23.42 -16.70 20.60
C PHE B 40 22.50 -17.19 19.50
N THR B 41 21.76 -18.27 19.78
CA THR B 41 20.86 -18.90 18.81
C THR B 41 19.61 -19.35 19.54
N TRP B 42 18.45 -19.23 18.90
CA TRP B 42 17.19 -19.69 19.46
C TRP B 42 16.26 -20.15 18.36
N GLY B 43 15.45 -21.17 18.67
CA GLY B 43 14.36 -21.53 17.79
C GLY B 43 14.76 -22.47 16.67
N LYS B 44 13.98 -22.42 15.60
CA LYS B 44 14.01 -23.41 14.54
C LYS B 44 14.31 -22.74 13.21
N ALA B 45 15.31 -23.30 12.49
CA ALA B 45 15.53 -22.94 11.09
C ALA B 45 14.43 -23.49 10.19
N ASP B 46 13.84 -24.62 10.59
CA ASP B 46 12.77 -25.30 9.84
C ASP B 46 11.81 -25.87 10.87
N ILE B 47 10.59 -25.33 10.93
CA ILE B 47 9.66 -25.74 11.97
C ILE B 47 9.16 -27.16 11.72
N ALA B 48 8.66 -27.42 10.51
CA ALA B 48 7.99 -28.69 10.24
C ALA B 48 8.93 -29.88 10.41
N ASN B 49 10.21 -29.70 10.05
CA ASN B 49 11.18 -30.77 10.20
C ASN B 49 12.02 -30.63 11.46
N ASN B 50 11.72 -29.63 12.30
CA ASN B 50 12.28 -29.51 13.64
C ASN B 50 13.78 -29.26 13.64
N HIS B 51 14.31 -28.69 12.58
CA HIS B 51 15.74 -28.38 12.58
C HIS B 51 15.97 -27.10 13.38
N PRO B 52 16.90 -27.09 14.32
CA PRO B 52 17.14 -25.89 15.12
C PRO B 52 18.10 -24.93 14.43
N VAL B 53 18.07 -23.68 14.89
CA VAL B 53 19.07 -22.71 14.50
C VAL B 53 20.38 -23.02 15.23
N THR B 54 21.45 -23.22 14.47
CA THR B 54 22.80 -23.32 15.01
C THR B 54 23.63 -22.12 14.56
N GLN B 55 24.85 -22.05 15.10
CA GLN B 55 25.82 -21.08 14.62
C GLN B 55 26.19 -21.29 13.15
N GLN B 56 25.84 -22.44 12.56
CA GLN B 56 26.09 -22.67 11.15
C GLN B 56 24.90 -22.34 10.25
N THR B 57 23.71 -22.09 10.82
CA THR B 57 22.53 -21.86 10.00
C THR B 57 22.72 -20.67 9.07
N LEU B 58 22.30 -20.84 7.82
CA LEU B 58 22.41 -19.80 6.79
C LEU B 58 21.09 -19.04 6.71
N PHE B 59 21.17 -17.73 6.90
CA PHE B 59 20.04 -16.82 6.77
C PHE B 59 20.17 -16.02 5.48
N GLU B 60 19.03 -15.69 4.89
CA GLU B 60 19.02 -14.77 3.76
C GLU B 60 19.25 -13.37 4.29
N LEU B 61 20.37 -12.75 3.86
CA LEU B 61 20.73 -11.42 4.33
C LEU B 61 19.89 -10.31 3.74
N GLY B 62 19.20 -10.58 2.64
CA GLY B 62 18.54 -9.49 1.92
C GLY B 62 19.50 -8.34 1.65
N SER B 63 19.05 -7.13 1.96
CA SER B 63 19.77 -5.94 1.52
C SER B 63 21.07 -5.73 2.28
N VAL B 64 21.31 -6.45 3.38
CA VAL B 64 22.64 -6.40 3.98
C VAL B 64 23.69 -6.89 2.99
N SER B 65 23.26 -7.62 1.94
CA SER B 65 24.16 -7.96 0.85
C SER B 65 24.85 -6.74 0.26
N LYS B 66 24.22 -5.57 0.37
CA LYS B 66 24.79 -4.38 -0.23
C LYS B 66 26.04 -3.91 0.49
N THR B 67 26.23 -4.32 1.75
CA THR B 67 27.49 -3.99 2.40
C THR B 67 28.65 -4.74 1.76
N PHE B 68 28.43 -6.01 1.38
CA PHE B 68 29.45 -6.72 0.62
C PHE B 68 29.69 -6.05 -0.73
N ASN B 69 28.63 -5.60 -1.39
CA ASN B 69 28.76 -4.86 -2.64
C ASN B 69 29.68 -3.65 -2.45
N GLY B 70 29.45 -2.88 -1.39
CA GLY B 70 30.22 -1.67 -1.19
C GLY B 70 31.69 -1.94 -0.96
N VAL B 71 32.01 -2.92 -0.11
CA VAL B 71 33.40 -3.21 0.22
C VAL B 71 34.13 -3.77 -0.99
N LEU B 72 33.46 -4.59 -1.80
CA LEU B 72 34.08 -5.00 -3.05
C LEU B 72 34.32 -3.82 -3.96
N GLY B 73 33.44 -2.82 -3.92
CA GLY B 73 33.63 -1.62 -4.74
C GLY B 73 34.77 -0.78 -4.22
N GLY B 74 34.81 -0.55 -2.90
CA GLY B 74 35.94 0.16 -2.33
C GLY B 74 37.27 -0.53 -2.62
N ASP B 75 37.26 -1.85 -2.64
CA ASP B 75 38.47 -2.60 -2.99
C ASP B 75 38.86 -2.34 -4.43
N ALA B 76 37.87 -2.36 -5.34
CA ALA B 76 38.16 -2.02 -6.73
C ALA B 76 38.70 -0.59 -6.87
N ILE B 77 38.18 0.34 -6.06
CA ILE B 77 38.70 1.71 -6.06
C ILE B 77 40.13 1.74 -5.55
N ALA B 78 40.38 1.09 -4.41
CA ALA B 78 41.75 1.03 -3.89
C ALA B 78 42.71 0.38 -4.88
N ARG B 79 42.24 -0.59 -5.68
CA ARG B 79 43.10 -1.24 -6.65
C ARG B 79 43.38 -0.37 -7.88
N GLY B 80 42.72 0.78 -8.01
CA GLY B 80 42.89 1.61 -9.19
C GLY B 80 42.15 1.14 -10.41
N GLU B 81 41.23 0.17 -10.27
CA GLU B 81 40.46 -0.33 -11.41
C GLU B 81 39.31 0.58 -11.78
N ILE B 82 38.70 1.25 -10.81
CA ILE B 82 37.58 2.15 -11.06
C ILE B 82 37.75 3.40 -10.22
N LYS B 83 37.08 4.46 -10.65
CA LYS B 83 36.83 5.64 -9.83
C LYS B 83 35.32 5.84 -9.80
N LEU B 84 34.82 6.34 -8.67
CA LEU B 84 33.39 6.61 -8.61
C LEU B 84 32.99 7.74 -9.55
N SER B 85 33.92 8.63 -9.90
CA SER B 85 33.62 9.68 -10.87
C SER B 85 33.57 9.17 -12.29
N ASP B 86 33.96 7.93 -12.54
CA ASP B 86 33.89 7.40 -13.90
C ASP B 86 32.44 7.33 -14.36
N PRO B 87 32.16 7.73 -15.59
CA PRO B 87 30.79 7.60 -16.11
C PRO B 87 30.42 6.13 -16.32
N VAL B 88 29.12 5.86 -16.15
CA VAL B 88 28.63 4.49 -16.28
C VAL B 88 28.94 3.93 -17.66
N THR B 89 28.84 4.77 -18.70
CA THR B 89 29.04 4.33 -20.08
C THR B 89 30.46 3.82 -20.33
N LYS B 90 31.41 4.13 -19.45
CA LYS B 90 32.73 3.54 -19.59
C LYS B 90 32.70 2.03 -19.37
N TYR B 91 31.82 1.56 -18.49
CA TYR B 91 31.73 0.15 -18.15
C TYR B 91 30.59 -0.57 -18.86
N TRP B 92 29.61 0.16 -19.37
CA TRP B 92 28.53 -0.44 -20.17
C TRP B 92 28.29 0.48 -21.36
N PRO B 93 29.14 0.41 -22.38
CA PRO B 93 29.02 1.35 -23.51
C PRO B 93 27.73 1.18 -24.31
N GLU B 94 27.01 0.07 -24.12
CA GLU B 94 25.73 -0.12 -24.79
C GLU B 94 24.65 0.80 -24.23
N LEU B 95 24.89 1.41 -23.06
CA LEU B 95 23.96 2.37 -22.47
C LEU B 95 24.09 3.71 -23.21
N THR B 96 23.45 3.79 -24.37
CA THR B 96 23.62 4.94 -25.25
C THR B 96 22.57 6.03 -25.06
N GLY B 97 21.58 5.81 -24.20
CA GLY B 97 20.56 6.83 -24.00
C GLY B 97 21.15 8.08 -23.38
N LYS B 98 20.63 9.24 -23.81
CA LYS B 98 21.13 10.52 -23.32
C LYS B 98 20.90 10.71 -21.82
N GLN B 99 19.98 9.96 -21.22
CA GLN B 99 19.73 10.09 -19.79
C GLN B 99 20.83 9.45 -18.95
N TRP B 100 21.71 8.65 -19.57
CA TRP B 100 22.84 8.06 -18.86
C TRP B 100 24.08 8.92 -18.90
N GLN B 101 24.18 9.85 -19.86
CA GLN B 101 25.21 10.86 -19.78
C GLN B 101 25.07 11.61 -18.47
N GLY B 102 26.21 11.81 -17.80
CA GLY B 102 26.19 12.44 -16.51
C GLY B 102 25.98 11.50 -15.35
N ILE B 103 25.59 10.26 -15.58
CA ILE B 103 25.44 9.31 -14.49
C ILE B 103 26.77 8.60 -14.30
N ARG B 104 27.31 8.70 -13.09
CA ARG B 104 28.61 8.13 -12.74
C ARG B 104 28.40 6.91 -11.86
N LEU B 105 29.47 6.12 -11.71
CA LEU B 105 29.42 4.98 -10.79
C LEU B 105 29.05 5.43 -9.39
N LEU B 106 29.52 6.61 -8.98
CA LEU B 106 29.15 7.16 -7.67
C LEU B 106 27.64 7.13 -7.46
N HIS B 107 26.88 7.55 -8.48
CA HIS B 107 25.44 7.67 -8.36
C HIS B 107 24.77 6.31 -8.17
N LEU B 108 25.15 5.33 -9.01
CA LEU B 108 24.58 3.99 -8.87
C LEU B 108 24.88 3.39 -7.51
N ALA B 109 26.11 3.58 -7.03
CA ALA B 109 26.52 3.06 -5.73
C ALA B 109 25.77 3.70 -4.57
N THR B 110 25.33 4.97 -4.71
CA THR B 110 24.78 5.70 -3.57
C THR B 110 23.32 6.10 -3.78
N TYR B 111 22.62 5.48 -4.73
CA TYR B 111 21.18 5.66 -4.96
C TYR B 111 20.82 7.08 -5.39
N THR B 112 21.76 7.82 -5.97
CA THR B 112 21.55 9.19 -6.38
C THR B 112 21.48 9.36 -7.90
N GLU B 113 21.27 8.24 -8.62
CA GLU B 113 21.29 8.26 -10.09
C GLU B 113 20.13 9.04 -10.71
N GLY B 114 19.01 9.17 -10.00
CA GLY B 114 17.89 9.94 -10.54
C GLY B 114 16.56 9.22 -10.48
N GLY B 115 16.51 8.09 -9.77
CA GLY B 115 15.25 7.41 -9.51
C GLY B 115 15.00 6.14 -10.28
N LEU B 116 15.94 5.19 -10.22
CA LEU B 116 15.67 3.87 -10.76
C LEU B 116 14.58 3.18 -9.93
N PRO B 117 13.85 2.25 -10.53
CA PRO B 117 12.82 1.53 -9.76
C PRO B 117 13.42 0.76 -8.60
N LEU B 118 12.56 0.41 -7.64
CA LEU B 118 13.03 -0.23 -6.42
C LEU B 118 13.59 -1.62 -6.69
N LYS B 119 12.92 -2.39 -7.55
CA LYS B 119 13.40 -3.71 -7.91
C LYS B 119 13.44 -3.86 -9.42
N ILE B 120 14.37 -4.68 -9.89
CA ILE B 120 14.30 -5.11 -11.28
C ILE B 120 13.02 -5.90 -11.48
N PRO B 121 12.24 -5.65 -12.53
CA PRO B 121 11.00 -6.39 -12.75
C PRO B 121 11.24 -7.89 -12.93
N ASP B 122 10.19 -8.66 -12.64
CA ASP B 122 10.31 -10.12 -12.66
C ASP B 122 10.41 -10.68 -14.08
N ASP B 123 9.77 -10.03 -15.06
CA ASP B 123 9.88 -10.54 -16.42
C ASP B 123 11.21 -10.20 -17.08
N VAL B 124 12.07 -9.44 -16.42
CA VAL B 124 13.43 -9.19 -16.90
C VAL B 124 14.30 -10.35 -16.42
N ARG B 125 14.66 -11.25 -17.34
CA ARG B 125 15.29 -12.51 -16.96
C ARG B 125 16.60 -12.82 -17.66
N ASP B 126 16.99 -12.06 -18.68
CA ASP B 126 18.24 -12.30 -19.38
C ASP B 126 18.98 -10.98 -19.57
N LYS B 127 20.19 -11.06 -20.11
CA LYS B 127 21.01 -9.86 -20.29
C LYS B 127 20.32 -8.87 -21.22
N ALA B 128 19.68 -9.36 -22.29
CA ALA B 128 19.07 -8.45 -23.26
C ALA B 128 17.88 -7.71 -22.65
N ALA B 129 17.05 -8.42 -21.87
CA ALA B 129 15.95 -7.75 -21.19
C ALA B 129 16.46 -6.71 -20.21
N LEU B 130 17.63 -6.93 -19.61
CA LEU B 130 18.16 -6.01 -18.63
C LEU B 130 18.74 -4.76 -19.29
N LEU B 131 19.47 -4.93 -20.40
CA LEU B 131 19.92 -3.77 -21.17
C LEU B 131 18.73 -2.95 -21.63
N HIS B 132 17.68 -3.61 -22.12
CA HIS B 132 16.46 -2.91 -22.52
C HIS B 132 15.86 -2.17 -21.34
N PHE B 133 15.81 -2.81 -20.17
CA PHE B 133 15.21 -2.18 -19.00
C PHE B 133 15.88 -0.85 -18.68
N TYR B 134 17.21 -0.85 -18.61
CA TYR B 134 17.94 0.37 -18.27
C TYR B 134 17.92 1.37 -19.41
N GLN B 135 18.00 0.89 -20.66
CA GLN B 135 17.99 1.78 -21.81
C GLN B 135 16.70 2.61 -21.88
N ASN B 136 15.59 2.07 -21.36
CA ASN B 136 14.31 2.76 -21.47
C ASN B 136 13.90 3.47 -20.19
N TRP B 137 14.62 3.28 -19.10
CA TRP B 137 14.32 4.01 -17.87
C TRP B 137 14.39 5.50 -18.10
N GLN B 138 13.43 6.22 -17.53
CA GLN B 138 13.46 7.67 -17.60
C GLN B 138 13.70 8.22 -16.21
N PRO B 139 14.75 9.01 -16.00
CA PRO B 139 15.02 9.56 -14.67
C PRO B 139 13.93 10.53 -14.26
N GLN B 140 13.77 10.66 -12.95
CA GLN B 140 12.86 11.65 -12.38
C GLN B 140 13.58 12.92 -11.95
N TRP B 141 14.86 12.83 -11.58
CA TRP B 141 15.68 13.97 -11.19
C TRP B 141 17.04 13.88 -11.88
N THR B 142 17.74 15.00 -11.87
CA THR B 142 19.09 15.05 -12.37
C THR B 142 20.00 14.21 -11.45
N PRO B 143 21.14 13.71 -11.94
CA PRO B 143 22.00 12.91 -11.07
C PRO B 143 22.46 13.72 -9.87
N GLY B 144 22.39 13.09 -8.69
CA GLY B 144 22.82 13.75 -7.47
C GLY B 144 21.79 14.68 -6.85
N ALA B 145 20.56 14.71 -7.36
CA ALA B 145 19.56 15.57 -6.76
C ALA B 145 18.92 14.91 -5.54
N LYS B 146 18.54 13.64 -5.65
CA LYS B 146 17.84 12.95 -4.58
C LYS B 146 18.45 11.57 -4.36
N ARG B 147 18.43 11.14 -3.11
CA ARG B 147 18.71 9.75 -2.79
C ARG B 147 17.38 9.00 -2.75
N LEU B 148 17.25 7.99 -3.62
CA LEU B 148 16.09 7.10 -3.61
C LEU B 148 16.61 5.67 -3.54
N TYR B 149 16.46 5.07 -2.36
CA TYR B 149 16.92 3.72 -2.10
C TYR B 149 16.30 2.73 -3.09
N ALA B 150 17.12 1.82 -3.60
CA ALA B 150 16.66 0.86 -4.60
C ALA B 150 17.62 -0.31 -4.67
N ASN B 151 17.17 -1.40 -5.28
CA ASN B 151 18.05 -2.51 -5.60
C ASN B 151 18.72 -2.32 -6.95
N SER B 152 18.00 -1.74 -7.91
CA SER B 152 18.47 -1.72 -9.29
C SER B 152 19.64 -0.76 -9.49
N SER B 153 19.84 0.21 -8.59
CA SER B 153 20.99 1.10 -8.74
C SER B 153 22.26 0.48 -8.17
N ILE B 154 22.29 0.22 -6.85
CA ILE B 154 23.46 -0.42 -6.26
C ILE B 154 23.73 -1.77 -6.94
N GLY B 155 22.66 -2.45 -7.36
CA GLY B 155 22.84 -3.72 -8.05
C GLY B 155 23.65 -3.60 -9.33
N LEU B 156 23.42 -2.53 -10.09
CA LEU B 156 24.17 -2.36 -11.33
C LEU B 156 25.58 -1.92 -11.03
N PHE B 157 25.76 -1.07 -10.03
CA PHE B 157 27.09 -0.67 -9.61
C PHE B 157 27.98 -1.88 -9.36
N GLY B 158 27.46 -2.89 -8.64
CA GLY B 158 28.25 -4.07 -8.37
C GLY B 158 28.61 -4.84 -9.62
N ALA B 159 27.66 -4.98 -10.54
CA ALA B 159 27.95 -5.66 -11.79
C ALA B 159 29.01 -4.93 -12.61
N LEU B 160 29.01 -3.60 -12.56
CA LEU B 160 29.94 -2.83 -13.38
C LEU B 160 31.31 -2.71 -12.71
N ALA B 161 31.33 -2.53 -11.39
CA ALA B 161 32.59 -2.34 -10.68
C ALA B 161 33.54 -3.51 -10.85
N VAL B 162 33.02 -4.72 -11.13
CA VAL B 162 33.87 -5.90 -11.22
C VAL B 162 34.42 -6.16 -12.61
N LYS B 163 33.96 -5.41 -13.62
CA LYS B 163 34.41 -5.67 -14.99
C LYS B 163 35.91 -5.48 -15.20
N PRO B 164 36.57 -4.45 -14.65
CA PRO B 164 38.03 -4.37 -14.83
C PRO B 164 38.77 -5.59 -14.28
N SER B 165 38.22 -6.26 -13.26
CA SER B 165 38.88 -7.44 -12.72
C SER B 165 38.85 -8.63 -13.67
N GLY B 166 37.93 -8.63 -14.65
CA GLY B 166 37.74 -9.77 -15.52
C GLY B 166 36.96 -10.91 -14.92
N MET B 167 36.61 -10.84 -13.64
CA MET B 167 35.87 -11.89 -12.97
C MET B 167 34.40 -11.56 -12.90
N SER B 168 33.59 -12.60 -12.76
CA SER B 168 32.18 -12.40 -12.44
C SER B 168 32.05 -11.79 -11.06
N TYR B 169 30.87 -11.22 -10.80
CA TYR B 169 30.62 -10.63 -9.49
C TYR B 169 30.81 -11.65 -8.38
N GLU B 170 30.25 -12.85 -8.56
CA GLU B 170 30.38 -13.89 -7.53
C GLU B 170 31.83 -14.34 -7.37
N GLU B 171 32.50 -14.59 -8.50
CA GLU B 171 33.91 -14.96 -8.45
C GLU B 171 34.73 -13.87 -7.79
N ALA B 172 34.50 -12.61 -8.17
CA ALA B 172 35.28 -11.52 -7.60
C ALA B 172 34.98 -11.33 -6.12
N MET B 173 33.70 -11.46 -5.73
CA MET B 173 33.37 -11.38 -4.32
C MET B 173 34.07 -12.47 -3.53
N THR B 174 34.05 -13.70 -4.05
CA THR B 174 34.72 -14.79 -3.37
C THR B 174 36.22 -14.53 -3.25
N ARG B 175 36.87 -14.21 -4.37
CA ARG B 175 38.32 -14.11 -4.35
C ARG B 175 38.80 -12.93 -3.53
N ARG B 176 38.09 -11.79 -3.61
CA ARG B 176 38.65 -10.55 -3.08
C ARG B 176 38.11 -10.15 -1.71
N VAL B 177 36.99 -10.70 -1.26
CA VAL B 177 36.45 -10.34 0.03
C VAL B 177 36.26 -11.57 0.92
N LEU B 178 35.46 -12.53 0.45
CA LEU B 178 35.06 -13.66 1.31
C LEU B 178 36.27 -14.50 1.70
N GLN B 179 37.05 -14.97 0.73
CA GLN B 179 38.19 -15.81 1.06
C GLN B 179 39.23 -15.09 1.91
N PRO B 180 39.65 -13.86 1.62
CA PRO B 180 40.65 -13.22 2.49
C PRO B 180 40.16 -13.01 3.91
N LEU B 181 38.85 -12.83 4.12
CA LEU B 181 38.28 -12.64 5.44
C LEU B 181 37.80 -13.95 6.06
N LYS B 182 38.08 -15.08 5.42
CA LYS B 182 37.77 -16.40 5.97
C LYS B 182 36.26 -16.56 6.18
N LEU B 183 35.47 -15.95 5.31
CA LEU B 183 34.02 -16.08 5.38
C LEU B 183 33.64 -17.32 4.56
N ALA B 184 33.76 -18.47 5.19
CA ALA B 184 33.56 -19.73 4.48
C ALA B 184 32.12 -20.24 4.56
N HIS B 185 31.23 -19.50 5.19
CA HIS B 185 29.82 -19.86 5.23
C HIS B 185 28.98 -18.69 4.77
N THR B 186 29.48 -17.99 3.76
CA THR B 186 28.82 -16.85 3.16
C THR B 186 28.67 -17.15 1.67
N TRP B 187 27.44 -17.25 1.21
CA TRP B 187 27.17 -17.79 -0.11
C TRP B 187 26.30 -16.85 -0.92
N ILE B 188 26.61 -16.75 -2.21
CA ILE B 188 25.65 -16.19 -3.15
C ILE B 188 24.68 -17.26 -3.62
N THR B 189 25.17 -18.46 -3.90
CA THR B 189 24.33 -19.61 -4.21
C THR B 189 24.76 -20.76 -3.32
N VAL B 190 23.82 -21.30 -2.54
CA VAL B 190 24.15 -22.26 -1.50
C VAL B 190 24.52 -23.61 -2.10
N PRO B 191 25.76 -24.09 -1.93
CA PRO B 191 26.13 -25.39 -2.47
C PRO B 191 25.28 -26.50 -1.86
N GLN B 192 25.12 -27.58 -2.63
CA GLN B 192 24.13 -28.59 -2.29
C GLN B 192 24.39 -29.21 -0.92
N ASN B 193 25.65 -29.56 -0.62
CA ASN B 193 25.93 -30.17 0.68
C ASN B 193 25.78 -29.18 1.82
N GLU B 194 25.60 -27.90 1.53
CA GLU B 194 25.33 -26.90 2.54
C GLU B 194 23.85 -26.56 2.65
N GLN B 195 23.01 -27.07 1.73
CA GLN B 195 21.57 -26.82 1.80
C GLN B 195 20.98 -27.19 3.15
N LYS B 196 21.52 -28.23 3.80
CA LYS B 196 20.98 -28.68 5.09
C LYS B 196 21.01 -27.59 6.15
N ASP B 197 21.93 -26.63 6.05
CA ASP B 197 22.01 -25.52 7.01
C ASP B 197 21.21 -24.30 6.58
N TYR B 198 20.58 -24.34 5.41
CA TYR B 198 19.89 -23.18 4.87
C TYR B 198 18.52 -23.10 5.51
N ALA B 199 18.34 -22.15 6.43
CA ALA B 199 17.05 -21.95 7.08
C ALA B 199 15.95 -21.68 6.07
N TRP B 200 14.73 -22.03 6.44
CA TRP B 200 13.55 -21.59 5.72
C TRP B 200 13.09 -20.25 6.28
N GLY B 201 12.67 -19.35 5.39
CA GLY B 201 12.02 -18.15 5.82
C GLY B 201 10.53 -18.37 5.99
N TYR B 202 9.92 -17.60 6.87
CA TYR B 202 8.52 -17.76 7.20
C TYR B 202 7.77 -16.47 6.91
N ARG B 203 6.80 -16.56 6.02
CA ARG B 203 5.91 -15.47 5.65
C ARG B 203 4.49 -15.97 5.85
N GLU B 204 3.78 -15.40 6.83
CA GLU B 204 2.42 -15.80 7.15
C GLU B 204 2.33 -17.29 7.45
N GLY B 205 3.30 -17.79 8.21
CA GLY B 205 3.27 -19.18 8.65
C GLY B 205 3.53 -20.20 7.57
N LYS B 206 4.25 -19.83 6.51
CA LYS B 206 4.59 -20.73 5.43
C LYS B 206 6.07 -20.62 5.11
N PRO B 207 6.75 -21.74 4.89
CA PRO B 207 8.19 -21.71 4.58
C PRO B 207 8.44 -21.19 3.17
N VAL B 208 9.38 -20.25 3.04
CA VAL B 208 9.69 -19.62 1.75
C VAL B 208 11.19 -19.36 1.63
N HIS B 209 11.69 -19.44 0.41
CA HIS B 209 13.02 -19.00 0.05
C HIS B 209 12.90 -17.96 -1.05
N SER B 210 13.81 -17.00 -1.05
CA SER B 210 13.83 -16.04 -2.15
C SER B 210 14.17 -16.77 -3.45
N SER B 211 13.60 -16.26 -4.56
CA SER B 211 13.82 -16.74 -5.92
C SER B 211 14.98 -15.99 -6.56
N PRO B 212 15.66 -16.63 -7.51
CA PRO B 212 16.71 -15.91 -8.24
C PRO B 212 16.13 -14.76 -9.06
N GLY B 213 16.96 -13.75 -9.29
CA GLY B 213 16.57 -12.60 -10.09
C GLY B 213 17.79 -11.91 -10.65
N GLN B 214 17.58 -11.08 -11.68
CA GLN B 214 18.70 -10.34 -12.25
C GLN B 214 19.33 -9.44 -11.19
N LEU B 215 20.67 -9.48 -11.11
CA LEU B 215 21.44 -8.71 -10.13
C LEU B 215 20.98 -9.00 -8.70
N ASP B 216 20.66 -10.27 -8.41
CA ASP B 216 20.28 -10.61 -7.04
C ASP B 216 21.50 -10.63 -6.10
N ALA B 217 22.62 -11.18 -6.58
CA ALA B 217 23.80 -11.27 -5.72
C ALA B 217 24.25 -9.89 -5.28
N GLU B 218 24.20 -8.91 -6.18
CA GLU B 218 24.69 -7.57 -5.88
C GLU B 218 23.80 -6.82 -4.90
N ALA B 219 22.49 -7.07 -4.94
CA ALA B 219 21.57 -6.26 -4.14
C ALA B 219 20.99 -6.98 -2.93
N TYR B 220 20.68 -8.28 -3.02
CA TYR B 220 19.90 -8.87 -1.93
C TYR B 220 20.08 -10.37 -1.73
N GLY B 221 20.99 -11.04 -2.44
CA GLY B 221 20.95 -12.48 -2.46
C GLY B 221 22.04 -13.24 -1.73
N VAL B 222 22.70 -12.62 -0.75
CA VAL B 222 23.76 -13.30 0.00
C VAL B 222 23.14 -14.03 1.20
N LYS B 223 23.61 -15.25 1.44
CA LYS B 223 23.23 -16.02 2.63
C LYS B 223 24.47 -16.20 3.49
N SER B 224 24.29 -16.17 4.80
CA SER B 224 25.45 -16.27 5.68
C SER B 224 24.99 -16.74 7.05
N SER B 225 25.94 -17.24 7.82
CA SER B 225 25.73 -17.68 9.20
C SER B 225 26.07 -16.56 10.17
N VAL B 226 25.70 -16.77 11.44
CA VAL B 226 25.97 -15.78 12.45
C VAL B 226 27.47 -15.66 12.71
N ILE B 227 28.22 -16.74 12.52
CA ILE B 227 29.67 -16.67 12.74
C ILE B 227 30.33 -15.80 11.68
N ASP B 228 29.99 -16.02 10.40
CA ASP B 228 30.57 -15.17 9.35
C ASP B 228 30.16 -13.73 9.52
N MET B 229 28.88 -13.48 9.81
CA MET B 229 28.43 -12.11 9.95
C MET B 229 29.10 -11.41 11.13
N ALA B 230 29.41 -12.14 12.20
CA ALA B 230 30.23 -11.56 13.26
C ALA B 230 31.62 -11.23 12.76
N ARG B 231 32.22 -12.13 11.99
CA ARG B 231 33.52 -11.84 11.38
C ARG B 231 33.41 -10.66 10.42
N TRP B 232 32.30 -10.56 9.70
CA TRP B 232 32.10 -9.46 8.76
C TRP B 232 32.03 -8.12 9.50
N VAL B 233 31.23 -8.06 10.56
CA VAL B 233 31.16 -6.85 11.38
C VAL B 233 32.51 -6.54 12.00
N GLN B 234 33.22 -7.57 12.47
CA GLN B 234 34.52 -7.37 13.09
C GLN B 234 35.49 -6.69 12.13
N ALA B 235 35.54 -7.19 10.89
CA ALA B 235 36.48 -6.66 9.91
C ALA B 235 36.12 -5.23 9.51
N ASN B 236 34.83 -4.97 9.24
CA ASN B 236 34.42 -3.62 8.87
C ASN B 236 34.64 -2.63 10.00
N MET B 237 34.45 -3.07 11.25
CA MET B 237 34.64 -2.16 12.38
C MET B 237 36.11 -1.77 12.53
N ASP B 238 37.01 -2.75 12.42
CA ASP B 238 38.44 -2.49 12.59
C ASP B 238 39.19 -3.43 11.65
N ALA B 239 39.60 -2.90 10.50
CA ALA B 239 40.32 -3.66 9.49
C ALA B 239 41.84 -3.61 9.69
N SER B 240 42.28 -3.25 10.91
CA SER B 240 43.70 -3.00 11.14
C SER B 240 44.55 -4.25 10.90
N HIS B 241 43.99 -5.44 11.05
CA HIS B 241 44.76 -6.66 10.85
C HIS B 241 44.38 -7.41 9.57
N VAL B 242 43.63 -6.76 8.68
CA VAL B 242 43.43 -7.26 7.33
C VAL B 242 44.74 -7.10 6.57
N GLN B 243 45.37 -8.22 6.23
CA GLN B 243 46.70 -8.16 5.62
C GLN B 243 46.64 -7.61 4.20
N GLU B 244 45.51 -7.82 3.51
CA GLU B 244 45.38 -7.48 2.10
C GLU B 244 45.14 -5.98 1.99
N LYS B 245 46.15 -5.24 1.52
CA LYS B 245 46.17 -3.79 1.65
C LYS B 245 45.00 -3.13 0.94
N THR B 246 44.66 -3.57 -0.28
CA THR B 246 43.52 -2.96 -0.95
C THR B 246 42.21 -3.26 -0.24
N LEU B 247 42.09 -4.43 0.38
CA LEU B 247 40.85 -4.78 1.08
C LEU B 247 40.69 -3.93 2.33
N GLN B 248 41.78 -3.74 3.07
CA GLN B 248 41.73 -2.85 4.23
C GLN B 248 41.29 -1.44 3.84
N GLN B 249 41.85 -0.92 2.74
CA GLN B 249 41.47 0.41 2.27
C GLN B 249 40.06 0.40 1.68
N GLY B 250 39.67 -0.70 1.02
CA GLY B 250 38.31 -0.79 0.50
C GLY B 250 37.27 -0.77 1.60
N ILE B 251 37.54 -1.43 2.72
CA ILE B 251 36.66 -1.36 3.87
C ILE B 251 36.56 0.07 4.38
N ALA B 252 37.68 0.79 4.45
CA ALA B 252 37.63 2.19 4.88
C ALA B 252 36.82 3.03 3.90
N LEU B 253 36.99 2.80 2.60
CA LEU B 253 36.29 3.63 1.62
C LEU B 253 34.77 3.43 1.70
N ALA B 254 34.32 2.23 2.08
CA ALA B 254 32.89 1.97 2.17
C ALA B 254 32.24 2.68 3.33
N GLN B 255 33.03 3.07 4.34
CA GLN B 255 32.54 3.88 5.44
C GLN B 255 32.86 5.35 5.30
N SER B 256 33.40 5.76 4.15
CA SER B 256 33.51 7.19 3.88
C SER B 256 32.12 7.77 3.64
N ARG B 257 31.98 9.06 3.93
CA ARG B 257 30.69 9.71 3.79
C ARG B 257 30.60 10.37 2.41
N TYR B 258 29.68 9.85 1.57
CA TYR B 258 29.53 10.32 0.20
C TYR B 258 28.41 11.31 0.03
N TRP B 259 27.36 11.20 0.83
CA TRP B 259 26.24 12.13 0.76
C TRP B 259 25.73 12.34 2.17
N ARG B 260 25.19 13.52 2.41
CA ARG B 260 24.45 13.83 3.62
C ARG B 260 22.97 13.92 3.26
N ILE B 261 22.13 13.19 3.99
CA ILE B 261 20.68 13.26 3.85
C ILE B 261 20.12 13.41 5.26
N GLY B 262 19.83 14.64 5.65
CA GLY B 262 19.45 14.90 7.03
C GLY B 262 20.58 14.58 7.98
N ASP B 263 20.34 13.68 8.92
CA ASP B 263 21.36 13.26 9.87
C ASP B 263 22.01 11.92 9.50
N MET B 264 21.74 11.42 8.30
CA MET B 264 22.31 10.16 7.84
C MET B 264 23.32 10.45 6.74
N TYR B 265 24.37 9.63 6.69
CA TYR B 265 25.40 9.77 5.68
C TYR B 265 25.49 8.48 4.89
N GLN B 266 25.59 8.61 3.57
CA GLN B 266 25.62 7.45 2.70
C GLN B 266 27.07 7.03 2.45
N GLY B 267 27.36 5.78 2.76
CA GLY B 267 28.60 5.14 2.36
C GLY B 267 28.39 4.28 1.14
N LEU B 268 29.25 3.28 0.97
CA LEU B 268 29.09 2.28 -0.07
C LEU B 268 28.42 1.07 0.57
N GLY B 269 27.10 0.97 0.42
CA GLY B 269 26.33 -0.05 1.12
C GLY B 269 26.02 0.30 2.56
N TRP B 270 27.04 0.61 3.35
CA TRP B 270 26.82 1.03 4.74
C TRP B 270 26.17 2.41 4.79
N GLU B 271 25.31 2.60 5.79
CA GLU B 271 24.77 3.91 6.13
C GLU B 271 25.24 4.29 7.52
N MET B 272 25.50 5.58 7.73
CA MET B 272 26.13 6.08 8.94
C MET B 272 25.32 7.20 9.57
N LEU B 273 25.34 7.25 10.90
CA LEU B 273 24.87 8.42 11.64
C LEU B 273 25.92 8.80 12.68
N ASN B 274 25.91 10.06 13.07
CA ASN B 274 26.82 10.51 14.11
C ASN B 274 26.45 9.85 15.43
N TRP B 275 27.47 9.37 16.15
CA TRP B 275 27.41 8.81 17.48
C TRP B 275 27.99 9.80 18.49
N PRO B 276 27.39 9.97 19.68
CA PRO B 276 26.21 9.27 20.19
C PRO B 276 24.93 9.78 19.56
N LEU B 277 23.87 8.97 19.60
CA LEU B 277 22.60 9.35 19.01
C LEU B 277 21.47 8.93 19.93
N LYS B 278 20.37 9.66 19.86
CA LYS B 278 19.14 9.23 20.52
C LYS B 278 18.52 8.12 19.69
N ALA B 279 17.97 7.11 20.36
CA ALA B 279 17.39 5.97 19.66
C ALA B 279 16.34 6.41 18.65
N ASP B 280 15.61 7.50 18.95
CA ASP B 280 14.58 7.97 18.04
C ASP B 280 15.14 8.45 16.71
N SER B 281 16.42 8.86 16.69
CA SER B 281 16.98 9.39 15.45
C SER B 281 17.27 8.29 14.42
N ILE B 282 17.56 7.08 14.89
CA ILE B 282 17.75 5.95 13.99
C ILE B 282 16.44 5.20 13.76
N ILE B 283 15.64 5.01 14.81
CA ILE B 283 14.36 4.30 14.69
C ILE B 283 13.49 4.95 13.62
N ASN B 284 13.47 6.28 13.57
CA ASN B 284 12.70 6.99 12.56
C ASN B 284 13.32 6.84 11.19
N GLY B 285 14.54 7.37 11.01
CA GLY B 285 15.22 7.30 9.74
C GLY B 285 15.49 5.88 9.26
N ALA B 293 11.12 6.96 0.58
CA ALA B 293 11.32 8.40 0.73
C ALA B 293 12.47 8.91 -0.12
N ALA B 294 12.14 9.65 -1.18
CA ALA B 294 13.13 10.37 -1.95
C ALA B 294 13.41 11.70 -1.26
N LEU B 295 14.66 11.90 -0.84
CA LEU B 295 15.03 13.08 -0.09
C LEU B 295 16.22 13.76 -0.75
N PRO B 296 16.26 15.09 -0.73
CA PRO B 296 17.39 15.82 -1.34
C PRO B 296 18.72 15.39 -0.73
N ALA B 297 19.71 15.20 -1.59
CA ALA B 297 21.02 14.67 -1.19
C ALA B 297 22.08 15.74 -1.36
N VAL B 298 22.93 15.90 -0.35
CA VAL B 298 23.99 16.90 -0.36
C VAL B 298 25.32 16.16 -0.51
N GLU B 299 26.03 16.44 -1.61
CA GLU B 299 27.24 15.71 -1.92
C GLU B 299 28.36 16.08 -0.97
N VAL B 300 29.10 15.06 -0.53
CA VAL B 300 30.32 15.23 0.26
C VAL B 300 31.46 14.86 -0.67
N ASN B 301 32.10 15.86 -1.26
CA ASN B 301 33.11 15.64 -2.29
C ASN B 301 34.32 16.51 -1.95
N PRO B 302 35.49 15.92 -1.70
CA PRO B 302 35.77 14.49 -1.67
C PRO B 302 35.08 13.80 -0.49
N PRO B 303 34.82 12.50 -0.62
CA PRO B 303 34.18 11.76 0.46
C PRO B 303 34.94 11.94 1.77
N ALA B 304 34.22 12.20 2.84
CA ALA B 304 34.86 12.38 4.13
C ALA B 304 35.33 11.02 4.65
N PRO B 305 36.56 10.90 5.13
CA PRO B 305 37.03 9.61 5.63
C PRO B 305 36.30 9.22 6.89
N ALA B 306 36.22 7.89 7.11
CA ALA B 306 35.44 7.35 8.21
C ALA B 306 35.88 7.92 9.55
N VAL B 307 34.92 8.11 10.44
CA VAL B 307 35.18 8.61 11.79
C VAL B 307 34.67 7.58 12.79
N LYS B 308 35.38 7.46 13.91
CA LYS B 308 35.04 6.45 14.90
C LYS B 308 33.68 6.71 15.52
N ALA B 309 33.36 7.99 15.77
CA ALA B 309 32.13 8.36 16.46
C ALA B 309 30.95 8.27 15.50
N SER B 310 30.67 7.05 15.06
CA SER B 310 29.56 6.85 14.15
C SER B 310 28.86 5.54 14.45
N TRP B 311 27.60 5.48 14.04
CA TRP B 311 26.75 4.31 14.12
C TRP B 311 26.61 3.84 12.68
N VAL B 312 27.32 2.76 12.35
CA VAL B 312 27.32 2.21 11.00
C VAL B 312 26.36 1.02 10.99
N HIS B 313 25.42 1.01 10.06
CA HIS B 313 24.41 -0.05 10.07
C HIS B 313 23.87 -0.31 8.69
N LYS B 314 23.10 -1.39 8.57
CA LYS B 314 22.37 -1.72 7.35
C LYS B 314 21.29 -2.72 7.69
N THR B 315 20.10 -2.48 7.14
CA THR B 315 18.97 -3.38 7.32
C THR B 315 18.74 -4.14 6.03
N GLY B 316 18.05 -5.27 6.15
CA GLY B 316 17.77 -6.08 4.99
C GLY B 316 16.60 -7.01 5.22
N SER B 317 15.82 -7.25 4.18
CA SER B 317 14.69 -8.14 4.29
C SER B 317 14.51 -8.87 2.98
N THR B 318 14.08 -10.13 3.07
CA THR B 318 13.52 -10.85 1.93
C THR B 318 12.08 -11.22 2.29
N GLY B 319 11.46 -12.02 1.43
CA GLY B 319 10.11 -12.49 1.71
C GLY B 319 10.00 -13.09 3.11
N GLY B 320 10.95 -13.94 3.48
CA GLY B 320 10.85 -14.65 4.73
C GLY B 320 11.93 -14.38 5.76
N PHE B 321 12.76 -13.35 5.58
CA PHE B 321 13.88 -13.12 6.49
C PHE B 321 14.07 -11.64 6.80
N GLY B 322 14.50 -11.37 8.04
CA GLY B 322 14.88 -10.02 8.45
C GLY B 322 16.26 -9.97 9.09
N SER B 323 17.14 -9.13 8.56
CA SER B 323 18.51 -8.98 9.03
C SER B 323 18.79 -7.56 9.46
N TYR B 324 19.74 -7.40 10.39
CA TYR B 324 20.18 -6.09 10.81
C TYR B 324 21.57 -6.20 11.40
N VAL B 325 22.51 -5.39 10.90
CA VAL B 325 23.85 -5.28 11.44
C VAL B 325 24.11 -3.83 11.80
N ALA B 326 24.87 -3.63 12.87
CA ALA B 326 25.18 -2.29 13.35
C ALA B 326 26.40 -2.36 14.25
N PHE B 327 27.31 -1.40 14.10
CA PHE B 327 28.48 -1.31 14.96
C PHE B 327 28.85 0.14 15.18
N VAL B 328 29.64 0.37 16.24
CA VAL B 328 30.09 1.69 16.65
C VAL B 328 31.58 1.59 16.84
N PRO B 329 32.39 2.01 15.86
CA PRO B 329 33.83 1.77 15.94
C PRO B 329 34.49 2.43 17.14
N GLU B 330 33.98 3.59 17.59
CA GLU B 330 34.58 4.23 18.76
C GLU B 330 34.53 3.34 19.98
N LYS B 331 33.51 2.49 20.10
CA LYS B 331 33.30 1.71 21.31
C LYS B 331 33.68 0.25 21.16
N ASN B 332 34.17 -0.15 19.99
CA ASN B 332 34.46 -1.56 19.70
C ASN B 332 33.27 -2.45 20.05
N LEU B 333 32.13 -2.09 19.48
CA LEU B 333 30.84 -2.62 19.91
C LEU B 333 29.97 -2.81 18.68
N GLY B 334 29.38 -3.99 18.53
CA GLY B 334 28.61 -4.27 17.33
C GLY B 334 27.61 -5.38 17.56
N ILE B 335 26.71 -5.54 16.60
CA ILE B 335 25.66 -6.54 16.74
C ILE B 335 25.22 -7.02 15.36
N VAL B 336 24.96 -8.32 15.29
CA VAL B 336 24.33 -8.99 14.15
C VAL B 336 23.03 -9.62 14.64
N MET B 337 21.93 -9.37 13.94
CA MET B 337 20.63 -9.97 14.26
C MET B 337 20.08 -10.62 13.00
N LEU B 338 19.98 -11.94 13.00
CA LEU B 338 19.47 -12.68 11.86
C LEU B 338 18.20 -13.41 12.29
N ALA B 339 17.17 -13.37 11.44
CA ALA B 339 15.87 -13.92 11.77
C ALA B 339 15.25 -14.49 10.51
N ASN B 340 14.67 -15.69 10.64
CA ASN B 340 13.95 -16.29 9.51
C ASN B 340 12.49 -15.90 9.48
N LYS B 341 12.23 -14.63 9.81
CA LYS B 341 10.98 -13.96 9.53
C LYS B 341 11.25 -12.47 9.41
N SER B 342 10.58 -11.83 8.48
CA SER B 342 10.69 -10.40 8.31
C SER B 342 9.81 -9.68 9.34
N TYR B 343 10.40 -8.77 10.09
CA TYR B 343 9.65 -8.02 11.09
C TYR B 343 10.04 -6.55 10.98
N PRO B 344 9.26 -5.64 11.56
CA PRO B 344 9.39 -4.22 11.19
C PRO B 344 10.74 -3.63 11.53
N TYR B 345 11.20 -2.76 10.63
CA TYR B 345 12.52 -2.13 10.78
C TYR B 345 12.69 -1.39 12.10
N PRO B 346 11.74 -0.58 12.58
CA PRO B 346 11.95 0.10 13.87
C PRO B 346 12.14 -0.85 15.03
N VAL B 347 11.52 -2.02 14.97
CA VAL B 347 11.70 -3.02 16.03
C VAL B 347 13.13 -3.53 16.05
N ARG B 348 13.71 -3.83 14.88
CA ARG B 348 15.10 -4.27 14.83
C ARG B 348 16.02 -3.23 15.45
N VAL B 349 15.88 -1.97 15.03
CA VAL B 349 16.76 -0.91 15.53
C VAL B 349 16.62 -0.78 17.03
N GLU B 350 15.37 -0.77 17.52
CA GLU B 350 15.12 -0.62 18.95
C GLU B 350 15.76 -1.75 19.76
N ALA B 351 15.71 -2.98 19.25
CA ALA B 351 16.33 -4.10 19.96
C ALA B 351 17.84 -3.99 19.94
N ALA B 352 18.41 -3.66 18.77
CA ALA B 352 19.85 -3.48 18.69
C ALA B 352 20.30 -2.38 19.63
N TRP B 353 19.57 -1.27 19.65
CA TRP B 353 19.98 -0.14 20.48
C TRP B 353 19.85 -0.49 21.96
N ARG B 354 18.78 -1.18 22.34
CA ARG B 354 18.63 -1.60 23.74
C ARG B 354 19.83 -2.42 24.19
N ILE B 355 20.31 -3.33 23.34
CA ILE B 355 21.41 -4.21 23.73
C ILE B 355 22.71 -3.44 23.81
N LEU B 356 23.08 -2.73 22.74
CA LEU B 356 24.34 -1.99 22.73
C LEU B 356 24.36 -0.89 23.78
N GLU B 357 23.20 -0.28 24.08
CA GLU B 357 23.16 0.75 25.10
C GLU B 357 23.55 0.19 26.47
N LYS B 358 23.08 -1.01 26.80
CA LYS B 358 23.41 -1.61 28.09
C LYS B 358 24.85 -2.08 28.16
N LEU B 359 25.55 -2.19 27.02
CA LEU B 359 26.91 -2.69 26.96
C LEU B 359 27.95 -1.60 26.96
N GLN B 360 27.63 -0.41 27.47
CA GLN B 360 28.65 0.64 27.58
C GLN B 360 29.59 0.35 28.74
#